data_7FSJ
#
_entry.id   7FSJ
#
_cell.length_a   81.162
_cell.length_b   49.539
_cell.length_c   114.910
_cell.angle_alpha   90.000
_cell.angle_beta   94.890
_cell.angle_gamma   90.000
#
_symmetry.space_group_name_H-M   'P 1 21 1'
#
loop_
_entity.id
_entity.type
_entity.pdbx_description
1 polymer Syntenin-1
2 non-polymer N,N-dimethylmorpholine-4-sulfonamide
3 non-polymer 1,2-ETHANEDIOL
4 non-polymer 'D-GLUTAMIC ACID'
5 non-polymer GLYCINE
6 non-polymer 'SULFATE ION'
7 non-polymer ALANINE
8 water water
#
_entity_poly.entity_id   1
_entity_poly.type   'polypeptide(L)'
_entity_poly.pdbx_seq_one_letter_code
;SMAEIKQGIREVILCKDQDGKIGLRLKSIDNGIFVQLVQANSPASLVGLRFGDQVLQINGENCAGWSSDKAHKVLKQAFG
EKITMTIRDRPFERTITMHKDSTGHVGFIFKNGKITSIVKDSSAARNGLLTEHNICEINGQNVIGLKDSQIADILSTSGT
VVTITIMPAFIFEHIIKRMAPSIMKSLMDHTIPEV
;
_entity_poly.pdbx_strand_id   A,B,C,D
#
# COMPACT_ATOMS: atom_id res chain seq x y z
N ILE A 5 -12.17 21.27 15.03
CA ILE A 5 -10.95 20.62 14.47
C ILE A 5 -9.80 21.63 14.56
N LYS A 6 -8.90 21.46 15.55
CA LYS A 6 -7.66 22.26 15.72
C LYS A 6 -6.89 22.27 14.39
N GLN A 7 -6.28 23.42 14.04
CA GLN A 7 -5.54 23.63 12.78
C GLN A 7 -4.03 23.44 13.00
N GLY A 8 -3.62 22.38 13.71
CA GLY A 8 -2.20 22.18 13.99
C GLY A 8 -1.87 20.84 14.62
N ILE A 9 -0.57 20.67 14.87
CA ILE A 9 0.10 19.49 15.46
C ILE A 9 0.22 19.70 16.96
N ARG A 10 0.05 18.65 17.75
CA ARG A 10 0.19 18.69 19.23
C ARG A 10 0.94 17.44 19.71
N GLU A 11 1.70 17.57 20.80
CA GLU A 11 2.42 16.43 21.42
C GLU A 11 1.49 15.86 22.48
N VAL A 12 1.36 14.53 22.57
CA VAL A 12 0.67 13.88 23.72
C VAL A 12 1.68 12.94 24.38
N ILE A 13 1.63 12.86 25.70
CA ILE A 13 2.55 11.97 26.44
C ILE A 13 1.70 10.88 27.10
N LEU A 14 2.06 9.65 26.84
CA LEU A 14 1.19 8.47 27.05
C LEU A 14 1.93 7.55 28.01
N CYS A 15 1.18 6.64 28.62
CA CYS A 15 1.64 5.79 29.73
C CYS A 15 0.86 4.49 29.72
N LYS A 16 1.47 3.37 29.30
CA LYS A 16 0.85 2.01 29.25
C LYS A 16 0.23 1.71 30.61
N ASP A 17 -0.96 1.10 30.65
CA ASP A 17 -1.67 0.86 31.94
C ASP A 17 -1.04 -0.41 32.56
N GLN A 18 -1.65 -0.92 33.64
CA GLN A 18 -1.05 -2.03 34.43
C GLN A 18 -0.92 -3.27 33.54
N ASP A 19 -1.80 -3.41 32.55
CA ASP A 19 -1.85 -4.58 31.63
C ASP A 19 -1.02 -4.36 30.36
N GLY A 20 -0.25 -3.26 30.28
CA GLY A 20 0.60 -2.95 29.10
C GLY A 20 -0.21 -2.49 27.89
N LYS A 21 -1.46 -2.08 28.07
CA LYS A 21 -2.35 -1.58 27.00
C LYS A 21 -2.25 -0.06 26.97
N ILE A 22 -2.53 0.59 25.83
CA ILE A 22 -2.73 2.07 25.76
C ILE A 22 -4.16 2.36 25.29
N GLY A 23 -4.81 1.40 24.68
CA GLY A 23 -6.24 1.47 24.31
C GLY A 23 -6.42 2.02 22.91
N LEU A 24 -5.52 1.66 21.99
CA LEU A 24 -5.50 2.26 20.64
C LEU A 24 -5.38 1.20 19.54
N ARG A 25 -6.19 1.28 18.49
CA ARG A 25 -5.92 0.61 17.19
C ARG A 25 -5.64 1.72 16.15
N LEU A 26 -4.64 1.49 15.32
CA LEU A 26 -4.12 2.44 14.31
C LEU A 26 -4.36 1.83 12.92
N LYS A 27 -4.48 2.66 11.89
CA LYS A 27 -4.76 2.22 10.50
C LYS A 27 -3.92 3.01 9.49
N SER A 28 -3.28 2.31 8.54
CA SER A 28 -2.56 2.92 7.40
C SER A 28 -3.57 3.49 6.40
N ILE A 29 -3.50 4.78 6.09
CA ILE A 29 -4.35 5.43 5.04
C ILE A 29 -3.49 6.40 4.23
N ASP A 30 -3.38 6.24 2.90
CA ASP A 30 -2.68 7.23 2.04
C ASP A 30 -1.28 7.46 2.64
N ASN A 31 -0.64 6.39 3.11
CA ASN A 31 0.76 6.39 3.63
C ASN A 31 0.88 7.26 4.89
N GLY A 32 -0.23 7.50 5.60
CA GLY A 32 -0.18 7.99 6.97
C GLY A 32 -0.65 6.93 7.95
N ILE A 33 -0.68 7.27 9.23
CA ILE A 33 -1.31 6.40 10.26
C ILE A 33 -2.42 7.21 10.94
N PHE A 34 -3.61 6.62 11.07
CA PHE A 34 -4.79 7.26 11.68
C PHE A 34 -5.33 6.40 12.85
N VAL A 35 -5.94 7.06 13.84
CA VAL A 35 -6.69 6.38 14.94
C VAL A 35 -7.99 5.75 14.39
N GLN A 36 -8.09 4.41 14.45
CA GLN A 36 -9.29 3.61 14.12
C GLN A 36 -10.19 3.40 15.34
N LEU A 37 -9.62 3.28 16.54
CA LEU A 37 -10.35 2.98 17.81
C LEU A 37 -9.59 3.59 18.97
N VAL A 38 -10.33 4.30 19.84
CA VAL A 38 -9.87 4.70 21.19
C VAL A 38 -10.78 4.01 22.21
N GLN A 39 -10.17 3.18 23.05
CA GLN A 39 -10.89 2.35 24.04
C GLN A 39 -11.28 3.20 25.24
N ALA A 40 -12.50 2.99 25.74
CA ALA A 40 -12.99 3.65 26.97
C ALA A 40 -12.02 3.30 28.12
N ASN A 41 -11.77 4.27 29.00
CA ASN A 41 -10.98 4.11 30.26
C ASN A 41 -9.56 3.69 29.92
N SER A 42 -8.99 4.18 28.81
CA SER A 42 -7.61 3.82 28.43
C SER A 42 -6.70 5.03 28.60
N PRO A 43 -5.37 4.82 28.64
CA PRO A 43 -4.42 5.92 28.52
C PRO A 43 -4.75 6.82 27.31
N ALA A 44 -5.14 6.20 26.19
CA ALA A 44 -5.34 6.91 24.90
C ALA A 44 -6.50 7.88 25.09
N SER A 45 -7.60 7.46 25.73
CA SER A 45 -8.75 8.38 25.98
C SER A 45 -8.38 9.47 27.00
N LEU A 46 -7.62 9.17 28.05
CA LEU A 46 -7.35 10.17 29.13
C LEU A 46 -6.46 11.27 28.56
N VAL A 47 -5.61 10.96 27.59
CA VAL A 47 -4.74 12.01 27.02
C VAL A 47 -5.49 12.75 25.90
N GLY A 48 -6.65 12.25 25.46
CA GLY A 48 -7.54 12.97 24.53
C GLY A 48 -7.32 12.61 23.07
N LEU A 49 -6.71 11.45 22.76
CA LEU A 49 -6.68 10.90 21.39
C LEU A 49 -8.13 10.63 20.94
N ARG A 50 -8.39 10.86 19.66
CA ARG A 50 -9.73 10.81 19.05
C ARG A 50 -9.64 9.98 17.77
N PHE A 51 -10.72 9.28 17.49
CA PHE A 51 -10.95 8.64 16.18
C PHE A 51 -10.61 9.67 15.08
N GLY A 52 -9.84 9.26 14.06
CA GLY A 52 -9.49 10.09 12.89
C GLY A 52 -8.26 10.94 13.11
N ASP A 53 -7.69 10.94 14.31
CA ASP A 53 -6.44 11.67 14.57
C ASP A 53 -5.38 11.01 13.70
N GLN A 54 -4.44 11.83 13.22
CA GLN A 54 -3.28 11.33 12.48
C GLN A 54 -2.13 11.25 13.47
N VAL A 55 -1.42 10.14 13.45
CA VAL A 55 -0.15 10.01 14.23
C VAL A 55 1.01 10.29 13.27
N LEU A 56 1.64 11.45 13.44
CA LEU A 56 2.83 11.92 12.69
C LEU A 56 4.09 11.21 13.20
N GLN A 57 4.31 11.27 14.52
CA GLN A 57 5.45 10.58 15.16
C GLN A 57 5.00 9.78 16.36
N ILE A 58 5.75 8.72 16.60
CA ILE A 58 5.78 7.95 17.87
C ILE A 58 7.21 8.03 18.36
N ASN A 59 7.41 8.44 19.60
CA ASN A 59 8.75 8.57 20.21
C ASN A 59 9.71 9.19 19.19
N GLY A 60 9.24 10.16 18.41
CA GLY A 60 10.08 10.96 17.49
C GLY A 60 10.54 10.20 16.27
N GLU A 61 10.04 8.99 16.03
CA GLU A 61 10.12 8.31 14.71
C GLU A 61 8.93 8.73 13.86
N ASN A 62 9.14 8.98 12.56
CA ASN A 62 8.07 9.37 11.62
C ASN A 62 7.26 8.12 11.28
N CYS A 63 5.94 8.23 11.20
CA CYS A 63 5.05 7.09 10.86
C CYS A 63 4.89 6.93 9.35
N ALA A 64 5.31 7.88 8.51
CA ALA A 64 4.91 7.85 7.08
C ALA A 64 5.29 6.50 6.52
N GLY A 65 4.43 5.86 5.77
CA GLY A 65 4.75 4.60 5.09
C GLY A 65 4.52 3.34 5.93
N TRP A 66 4.39 3.40 7.27
CA TRP A 66 4.20 2.17 8.10
C TRP A 66 2.85 1.52 7.77
N SER A 67 2.85 0.19 7.60
CA SER A 67 1.67 -0.70 7.75
C SER A 67 1.00 -0.48 9.12
N SER A 68 -0.29 -0.80 9.21
CA SER A 68 -0.98 -0.95 10.52
C SER A 68 -0.19 -1.95 11.39
N ASP A 69 0.22 -3.10 10.85
CA ASP A 69 1.02 -4.09 11.65
C ASP A 69 2.21 -3.40 12.31
N LYS A 70 3.03 -2.66 11.54
CA LYS A 70 4.30 -2.11 12.06
C LYS A 70 4.04 -1.08 13.17
N ALA A 71 3.02 -0.25 13.00
CA ALA A 71 2.61 0.76 14.02
C ALA A 71 2.26 0.00 15.32
N HIS A 72 1.48 -1.09 15.22
CA HIS A 72 1.08 -1.97 16.37
C HIS A 72 2.29 -2.66 17.02
N LYS A 73 3.21 -3.16 16.20
CA LYS A 73 4.51 -3.71 16.68
C LYS A 73 5.29 -2.59 17.39
N VAL A 74 5.47 -1.43 16.76
CA VAL A 74 6.26 -0.33 17.40
C VAL A 74 5.68 -0.03 18.80
N LEU A 75 4.37 0.13 18.89
CA LEU A 75 3.66 0.43 20.16
C LEU A 75 3.95 -0.64 21.22
N LYS A 76 3.96 -1.91 20.82
CA LYS A 76 4.19 -3.08 21.71
C LYS A 76 5.63 -3.04 22.23
N GLN A 77 6.60 -2.75 21.37
CA GLN A 77 8.06 -2.85 21.67
C GLN A 77 8.59 -1.60 22.37
N ALA A 78 7.71 -0.73 22.88
CA ALA A 78 8.08 0.58 23.47
C ALA A 78 8.18 0.47 24.99
N PHE A 79 9.35 0.82 25.55
CA PHE A 79 9.65 0.87 27.01
C PHE A 79 8.75 1.91 27.69
N GLY A 80 7.43 1.69 27.60
CA GLY A 80 6.37 2.71 27.77
C GLY A 80 6.18 3.19 29.20
N GLU A 81 7.24 3.72 29.81
CA GLU A 81 7.18 4.63 30.99
C GLU A 81 6.62 5.97 30.51
N LYS A 82 7.07 6.41 29.33
CA LYS A 82 6.68 7.66 28.65
C LYS A 82 6.77 7.43 27.14
N ILE A 83 5.62 7.34 26.47
CA ILE A 83 5.52 7.32 24.98
C ILE A 83 5.04 8.71 24.53
N THR A 84 5.80 9.38 23.66
CA THR A 84 5.41 10.68 23.06
C THR A 84 4.73 10.38 21.72
N MET A 85 3.64 11.08 21.41
CA MET A 85 3.12 11.06 20.02
C MET A 85 2.96 12.50 19.54
N THR A 86 3.29 12.70 18.25
CA THR A 86 3.00 13.95 17.51
C THR A 86 1.73 13.72 16.69
N ILE A 87 0.70 14.51 16.97
CA ILE A 87 -0.70 14.25 16.51
C ILE A 87 -1.15 15.44 15.64
N ARG A 88 -1.69 15.17 14.46
CA ARG A 88 -2.47 16.19 13.71
C ARG A 88 -3.96 15.91 13.95
N ASP A 89 -4.72 16.95 14.24
CA ASP A 89 -6.10 16.82 14.78
C ASP A 89 -7.07 16.47 13.64
N ARG A 90 -7.70 15.29 13.73
CA ARG A 90 -8.76 14.77 12.84
C ARG A 90 -8.75 15.41 11.45
N PRO A 91 -7.72 15.17 10.63
CA PRO A 91 -7.51 15.90 9.39
C PRO A 91 -8.56 15.63 8.31
N PHE A 92 -9.23 14.49 8.35
CA PHE A 92 -10.26 14.09 7.34
C PHE A 92 -11.65 14.61 7.74
N GLU A 93 -11.78 15.30 8.88
CA GLU A 93 -13.13 15.61 9.40
C GLU A 93 -13.35 17.11 9.34
N ARG A 94 -14.61 17.53 9.38
CA ARG A 94 -15.01 18.94 9.59
C ARG A 94 -16.15 19.00 10.62
N THR A 95 -16.27 20.14 11.30
CA THR A 95 -17.33 20.40 12.29
C THR A 95 -18.35 21.38 11.69
N ILE A 96 -19.62 21.09 11.86
CA ILE A 96 -20.72 21.98 11.41
C ILE A 96 -21.59 22.28 12.62
N THR A 97 -21.92 23.57 12.81
CA THR A 97 -22.82 24.07 13.87
C THR A 97 -24.20 24.42 13.25
N MET A 98 -25.24 23.87 13.84
CA MET A 98 -26.64 23.96 13.40
C MET A 98 -27.47 24.24 14.64
N HIS A 99 -28.68 24.77 14.45
CA HIS A 99 -29.66 25.18 15.50
C HIS A 99 -31.00 24.46 15.22
N LYS A 100 -31.52 23.72 16.20
CA LYS A 100 -32.84 23.07 16.07
C LYS A 100 -33.87 24.15 15.76
N ASP A 101 -34.85 23.85 14.92
CA ASP A 101 -36.07 24.68 14.76
C ASP A 101 -36.93 24.39 16.01
N SER A 102 -38.15 24.92 16.11
CA SER A 102 -38.97 24.85 17.36
C SER A 102 -39.60 23.45 17.49
N THR A 103 -39.69 22.70 16.39
CA THR A 103 -40.08 21.27 16.38
C THR A 103 -38.92 20.37 16.85
N GLY A 104 -37.74 20.95 17.14
CA GLY A 104 -36.52 20.25 17.60
C GLY A 104 -35.68 19.61 16.48
N HIS A 105 -35.84 20.04 15.22
CA HIS A 105 -35.18 19.45 14.02
C HIS A 105 -33.97 20.28 13.57
N VAL A 106 -32.85 19.63 13.23
CA VAL A 106 -31.68 20.33 12.61
C VAL A 106 -31.80 20.20 11.09
N GLY A 107 -32.39 19.10 10.60
CA GLY A 107 -32.94 19.00 9.24
C GLY A 107 -32.14 18.09 8.31
N PHE A 108 -31.91 16.82 8.71
CA PHE A 108 -31.39 15.72 7.85
C PHE A 108 -31.93 14.34 8.25
N ILE A 109 -31.62 13.36 7.39
CA ILE A 109 -31.89 11.92 7.54
C ILE A 109 -30.55 11.21 7.40
N PHE A 110 -30.29 10.26 8.30
CA PHE A 110 -29.08 9.42 8.22
C PHE A 110 -29.46 7.94 8.35
N LYS A 111 -28.59 7.08 7.84
CA LYS A 111 -28.69 5.61 7.94
C LYS A 111 -27.30 5.00 8.21
N ASN A 112 -27.16 4.24 9.30
CA ASN A 112 -25.86 3.62 9.70
C ASN A 112 -24.86 4.73 9.93
N GLY A 113 -25.30 5.84 10.52
CA GLY A 113 -24.43 6.99 10.83
C GLY A 113 -24.11 7.85 9.61
N LYS A 114 -24.65 7.53 8.41
CA LYS A 114 -24.38 8.23 7.12
C LYS A 114 -25.54 9.15 6.72
N ILE A 115 -25.29 10.45 6.60
CA ILE A 115 -26.30 11.46 6.18
C ILE A 115 -26.71 11.14 4.73
N THR A 116 -28.01 11.06 4.45
CA THR A 116 -28.56 10.58 3.13
C THR A 116 -29.44 11.65 2.49
N SER A 117 -30.00 12.58 3.26
CA SER A 117 -30.75 13.72 2.67
C SER A 117 -30.65 14.92 3.60
N ILE A 118 -30.68 16.11 2.99
CA ILE A 118 -30.79 17.43 3.69
C ILE A 118 -32.20 17.95 3.40
N VAL A 119 -32.93 18.37 4.43
CA VAL A 119 -34.34 18.84 4.36
C VAL A 119 -34.32 20.32 3.97
N LYS A 120 -35.07 20.72 2.95
CA LYS A 120 -35.08 22.12 2.44
C LYS A 120 -35.44 23.04 3.59
N ASP A 121 -34.95 24.28 3.57
CA ASP A 121 -35.32 25.37 4.52
C ASP A 121 -34.87 25.03 5.96
N SER A 122 -33.89 24.13 6.16
CA SER A 122 -33.46 23.67 7.51
C SER A 122 -32.12 24.34 7.91
N SER A 123 -31.76 24.26 9.18
CA SER A 123 -30.42 24.68 9.68
C SER A 123 -29.33 23.88 8.95
N ALA A 124 -29.58 22.62 8.63
CA ALA A 124 -28.61 21.74 7.92
C ALA A 124 -28.43 22.23 6.46
N ALA A 125 -29.51 22.65 5.80
CA ALA A 125 -29.41 23.27 4.46
C ALA A 125 -28.69 24.62 4.57
N ARG A 126 -29.02 25.42 5.58
CA ARG A 126 -28.48 26.81 5.70
C ARG A 126 -26.97 26.77 5.95
N ASN A 127 -26.46 25.71 6.57
CA ASN A 127 -25.04 25.52 6.99
C ASN A 127 -24.27 24.60 6.03
N GLY A 128 -24.91 24.16 4.95
CA GLY A 128 -24.30 23.33 3.89
C GLY A 128 -23.86 21.96 4.40
N LEU A 129 -24.65 21.30 5.26
CA LEU A 129 -24.42 19.86 5.60
C LEU A 129 -24.44 19.05 4.30
N LEU A 130 -23.61 18.02 4.21
CA LEU A 130 -23.46 17.23 2.98
C LEU A 130 -23.96 15.82 3.21
N THR A 131 -24.47 15.15 2.17
CA THR A 131 -24.82 13.70 2.22
C THR A 131 -23.54 12.90 1.97
N GLU A 132 -23.61 11.57 2.10
CA GLU A 132 -22.46 10.68 1.85
C GLU A 132 -21.32 11.05 2.81
N HIS A 133 -21.69 11.41 4.03
CA HIS A 133 -20.77 11.79 5.12
C HIS A 133 -21.21 11.02 6.38
N ASN A 134 -20.27 10.39 7.06
CA ASN A 134 -20.53 9.64 8.31
C ASN A 134 -20.41 10.57 9.51
N ILE A 135 -21.29 10.41 10.48
CA ILE A 135 -21.24 11.15 11.75
C ILE A 135 -20.19 10.52 12.68
N CYS A 136 -19.12 11.24 12.95
CA CYS A 136 -18.03 10.84 13.84
C CYS A 136 -18.31 11.27 15.29
N GLU A 137 -18.87 12.45 15.47
CA GLU A 137 -19.04 13.05 16.82
C GLU A 137 -20.27 13.97 16.79
N ILE A 138 -20.95 14.07 17.93
CA ILE A 138 -22.01 15.09 18.15
C ILE A 138 -21.69 15.77 19.48
N ASN A 139 -21.55 17.09 19.47
CA ASN A 139 -21.39 17.85 20.73
C ASN A 139 -20.23 17.23 21.52
N GLY A 140 -19.13 16.96 20.84
CA GLY A 140 -17.86 16.54 21.46
C GLY A 140 -17.82 15.08 21.87
N GLN A 141 -18.93 14.35 21.69
CA GLN A 141 -19.07 12.91 22.02
C GLN A 141 -18.91 12.03 20.78
N ASN A 142 -17.99 11.08 20.82
CA ASN A 142 -17.84 10.06 19.76
C ASN A 142 -19.11 9.19 19.71
N VAL A 143 -19.73 9.04 18.55
CA VAL A 143 -21.00 8.27 18.35
C VAL A 143 -20.76 7.09 17.39
N ILE A 144 -19.51 6.76 17.07
CA ILE A 144 -19.24 5.72 16.02
C ILE A 144 -19.51 4.34 16.60
N GLY A 145 -20.39 3.57 15.95
CA GLY A 145 -20.78 2.22 16.40
C GLY A 145 -22.04 2.25 17.25
N LEU A 146 -22.52 3.43 17.68
CA LEU A 146 -23.86 3.49 18.32
C LEU A 146 -24.93 3.06 17.31
N LYS A 147 -26.11 2.62 17.75
CA LYS A 147 -27.28 2.34 16.84
C LYS A 147 -27.76 3.69 16.30
N ASP A 148 -28.51 3.71 15.18
CA ASP A 148 -29.05 4.98 14.64
C ASP A 148 -29.99 5.59 15.68
N SER A 149 -30.69 4.71 16.41
CA SER A 149 -31.73 5.13 17.38
C SER A 149 -31.07 5.95 18.49
N GLN A 150 -29.86 5.55 18.91
CA GLN A 150 -29.12 6.19 20.04
C GLN A 150 -28.54 7.52 19.59
N ILE A 151 -28.13 7.63 18.32
CA ILE A 151 -27.65 8.92 17.72
C ILE A 151 -28.83 9.89 17.68
N ALA A 152 -30.00 9.44 17.21
CA ALA A 152 -31.24 10.27 17.19
C ALA A 152 -31.59 10.71 18.61
N ASP A 153 -31.45 9.81 19.60
CA ASP A 153 -31.66 10.12 21.05
C ASP A 153 -30.73 11.25 21.46
N ILE A 154 -29.42 11.13 21.21
CA ILE A 154 -28.43 12.20 21.54
C ILE A 154 -28.84 13.54 20.93
N LEU A 155 -29.32 13.57 19.68
CA LEU A 155 -29.74 14.83 19.01
C LEU A 155 -30.97 15.42 19.71
N SER A 156 -32.00 14.58 19.93
CA SER A 156 -33.19 14.83 20.78
C SER A 156 -32.83 15.53 22.09
N THR A 157 -31.83 15.04 22.83
CA THR A 157 -31.55 15.50 24.22
C THR A 157 -30.52 16.65 24.20
N SER A 158 -29.95 16.95 23.04
CA SER A 158 -29.05 18.11 22.85
C SER A 158 -29.84 19.41 23.07
N GLY A 159 -29.18 20.45 23.60
CA GLY A 159 -29.61 21.85 23.53
C GLY A 159 -29.83 22.29 22.09
N THR A 160 -30.26 23.51 21.86
CA THR A 160 -30.73 23.92 20.52
C THR A 160 -29.51 23.98 19.57
N VAL A 161 -28.33 24.40 20.06
CA VAL A 161 -27.05 24.34 19.31
C VAL A 161 -26.56 22.87 19.25
N VAL A 162 -26.36 22.37 18.02
CA VAL A 162 -25.89 21.00 17.70
C VAL A 162 -24.63 21.11 16.82
N THR A 163 -23.52 20.68 17.39
CA THR A 163 -22.21 20.53 16.71
C THR A 163 -22.08 19.11 16.23
N ILE A 164 -21.88 18.94 14.91
CA ILE A 164 -21.66 17.60 14.27
C ILE A 164 -20.31 17.57 13.54
N THR A 165 -19.54 16.53 13.76
CA THR A 165 -18.20 16.33 13.17
C THR A 165 -18.36 15.18 12.19
N ILE A 166 -18.08 15.44 10.92
CA ILE A 166 -18.39 14.53 9.81
C ILE A 166 -17.12 14.20 9.02
N MET A 167 -17.21 13.11 8.28
CA MET A 167 -16.12 12.52 7.45
C MET A 167 -16.75 11.96 6.19
N PRO A 168 -16.14 12.28 5.02
CA PRO A 168 -16.47 11.60 3.76
C PRO A 168 -16.59 10.08 3.96
N ALA A 169 -17.72 9.50 3.55
CA ALA A 169 -18.05 8.06 3.71
C ALA A 169 -16.95 7.14 3.18
N PHE A 170 -16.40 7.44 2.00
N PHE A 170 -16.37 7.48 2.02
CA PHE A 170 -15.32 6.65 1.37
CA PHE A 170 -15.32 6.69 1.35
C PHE A 170 -14.11 6.59 2.32
C PHE A 170 -14.07 6.62 2.24
N ILE A 171 -13.77 7.71 2.96
CA ILE A 171 -12.61 7.76 3.89
C ILE A 171 -13.00 7.00 5.17
N PHE A 172 -14.20 7.25 5.67
CA PHE A 172 -14.73 6.54 6.86
C PHE A 172 -14.72 5.02 6.62
N GLU A 173 -15.34 4.55 5.54
CA GLU A 173 -15.39 3.11 5.20
C GLU A 173 -13.96 2.56 5.10
N HIS A 174 -12.99 3.31 4.63
CA HIS A 174 -11.59 2.80 4.51
C HIS A 174 -10.97 2.64 5.92
N ILE A 175 -11.35 3.49 6.89
CA ILE A 175 -10.63 3.58 8.19
C ILE A 175 -11.08 2.41 9.08
N ILE A 176 -12.39 2.11 9.07
CA ILE A 176 -13.03 1.11 9.98
C ILE A 176 -13.01 -0.29 9.36
N LYS A 177 -12.53 -0.47 8.12
CA LYS A 177 -12.31 -1.82 7.51
C LYS A 177 -11.48 -2.69 8.46
N ARG A 178 -11.90 -3.94 8.68
CA ARG A 178 -11.18 -5.00 9.46
C ARG A 178 -11.29 -4.70 10.97
N MET A 179 -12.33 -3.97 11.37
CA MET A 179 -12.73 -3.80 12.79
C MET A 179 -14.20 -4.19 12.93
N ALA A 180 -14.47 -5.29 13.64
CA ALA A 180 -15.80 -5.93 13.76
C ALA A 180 -16.81 -4.92 14.32
N PRO A 181 -18.06 -4.87 13.78
CA PRO A 181 -19.02 -3.84 14.15
C PRO A 181 -19.35 -3.75 15.67
N SER A 182 -19.21 -4.85 16.42
CA SER A 182 -19.53 -4.96 17.87
C SER A 182 -18.38 -4.47 18.75
N ILE A 183 -17.12 -4.50 18.25
CA ILE A 183 -15.97 -3.86 18.93
C ILE A 183 -16.19 -2.33 18.95
N MET A 184 -16.63 -1.75 17.82
CA MET A 184 -16.98 -0.30 17.66
C MET A 184 -18.06 0.06 18.67
N LYS A 185 -19.17 -0.70 18.69
CA LYS A 185 -20.30 -0.56 19.65
C LYS A 185 -19.81 -0.73 21.10
N SER A 186 -19.06 -1.79 21.39
CA SER A 186 -18.73 -2.21 22.78
C SER A 186 -17.69 -1.29 23.37
N LEU A 187 -16.60 -1.04 22.61
CA LEU A 187 -15.29 -0.61 23.16
C LEU A 187 -14.87 0.82 22.75
N MET A 188 -15.25 1.32 21.56
CA MET A 188 -15.03 2.74 21.15
C MET A 188 -15.58 3.67 22.24
N ASP A 189 -14.69 4.51 22.80
CA ASP A 189 -15.02 5.47 23.87
C ASP A 189 -16.14 6.36 23.32
N HIS A 190 -17.34 6.25 23.87
CA HIS A 190 -18.46 7.15 23.57
C HIS A 190 -18.69 8.15 24.69
N THR A 191 -17.86 8.17 25.74
CA THR A 191 -18.13 8.98 26.96
C THR A 191 -17.83 10.46 26.69
N ILE A 192 -18.41 11.34 27.50
CA ILE A 192 -17.93 12.73 27.69
C ILE A 192 -16.58 12.61 28.38
N PRO A 193 -15.50 13.29 27.89
CA PRO A 193 -14.20 13.25 28.56
C PRO A 193 -14.19 13.77 30.01
N GLU A 194 -13.30 13.19 30.80
CA GLU A 194 -13.03 13.53 32.21
C GLU A 194 -12.15 14.79 32.27
N VAL A 195 -12.32 15.60 33.31
CA VAL A 195 -11.47 16.80 33.60
C VAL A 195 -10.87 16.63 35.01
N ALA B 3 10.31 -30.04 21.53
CA ALA B 3 8.99 -30.68 21.20
C ALA B 3 8.30 -31.18 22.49
N GLU B 4 9.05 -31.28 23.61
CA GLU B 4 8.63 -31.82 24.95
C GLU B 4 7.32 -31.15 25.38
N ILE B 5 6.27 -31.95 25.67
CA ILE B 5 5.00 -31.45 26.27
C ILE B 5 5.36 -30.78 27.60
N LYS B 6 5.02 -29.48 27.78
CA LYS B 6 5.25 -28.71 29.04
C LYS B 6 4.13 -29.05 30.04
N GLN B 7 4.47 -29.22 31.32
CA GLN B 7 3.44 -29.52 32.38
C GLN B 7 2.94 -28.18 32.97
N GLY B 8 1.79 -28.20 33.65
CA GLY B 8 1.11 -26.98 34.05
C GLY B 8 0.76 -26.06 32.87
N ILE B 9 0.74 -24.76 33.16
CA ILE B 9 -0.08 -23.73 32.48
C ILE B 9 0.84 -22.56 32.11
N ARG B 10 0.67 -21.94 30.93
CA ARG B 10 1.35 -20.66 30.62
C ARG B 10 0.36 -19.62 30.06
N GLU B 11 0.71 -18.35 30.22
CA GLU B 11 -0.01 -17.18 29.66
C GLU B 11 0.66 -16.85 28.33
N VAL B 12 -0.09 -16.74 27.23
CA VAL B 12 0.39 -16.22 25.92
C VAL B 12 -0.35 -14.91 25.66
N ILE B 13 0.24 -14.02 24.88
CA ILE B 13 -0.31 -12.66 24.60
C ILE B 13 -0.32 -12.46 23.10
N LEU B 14 -1.51 -12.24 22.55
CA LEU B 14 -1.76 -12.15 21.10
C LEU B 14 -2.22 -10.74 20.77
N CYS B 15 -1.85 -10.28 19.59
CA CYS B 15 -2.46 -9.15 18.86
C CYS B 15 -3.54 -9.76 17.94
N LYS B 16 -4.43 -8.95 17.37
CA LYS B 16 -5.11 -9.25 16.10
C LYS B 16 -4.29 -8.57 15.02
N ASP B 17 -4.22 -9.12 13.83
CA ASP B 17 -3.44 -8.49 12.74
C ASP B 17 -4.31 -7.41 12.08
N GLN B 18 -3.79 -6.73 11.07
CA GLN B 18 -4.50 -5.58 10.45
C GLN B 18 -5.78 -6.06 9.75
N ASP B 19 -5.97 -7.35 9.51
CA ASP B 19 -7.25 -7.88 8.94
C ASP B 19 -8.21 -8.33 10.06
N GLY B 20 -7.84 -8.18 11.33
CA GLY B 20 -8.69 -8.48 12.51
C GLY B 20 -8.60 -9.95 12.90
N LYS B 21 -7.63 -10.71 12.33
CA LYS B 21 -7.52 -12.18 12.48
C LYS B 21 -6.47 -12.56 13.53
N ILE B 22 -6.65 -13.76 14.09
CA ILE B 22 -5.80 -14.32 15.16
C ILE B 22 -4.98 -15.46 14.55
N GLY B 23 -5.60 -16.23 13.67
CA GLY B 23 -5.06 -17.43 13.02
C GLY B 23 -5.49 -18.73 13.68
N LEU B 24 -6.62 -18.76 14.41
CA LEU B 24 -7.01 -19.89 15.29
C LEU B 24 -8.37 -20.43 14.88
N ARG B 25 -8.53 -21.75 14.91
CA ARG B 25 -9.89 -22.32 15.11
C ARG B 25 -9.89 -23.10 16.43
N LEU B 26 -10.98 -22.94 17.20
CA LEU B 26 -11.23 -23.56 18.52
C LEU B 26 -12.38 -24.56 18.43
N LYS B 27 -12.30 -25.63 19.24
CA LYS B 27 -13.26 -26.75 19.27
C LYS B 27 -13.50 -27.21 20.70
N SER B 28 -14.78 -27.39 21.04
CA SER B 28 -15.30 -27.98 22.29
C SER B 28 -14.99 -29.48 22.36
N ILE B 29 -14.23 -29.90 23.38
CA ILE B 29 -13.90 -31.31 23.71
C ILE B 29 -14.02 -31.51 25.22
N ASP B 30 -14.91 -32.40 25.65
CA ASP B 30 -15.01 -32.90 27.03
C ASP B 30 -15.14 -31.68 27.96
N ASN B 31 -15.87 -30.64 27.53
CA ASN B 31 -16.17 -29.38 28.26
C ASN B 31 -14.93 -28.51 28.45
N GLY B 32 -13.86 -28.74 27.69
CA GLY B 32 -12.80 -27.74 27.53
C GLY B 32 -12.85 -27.14 26.13
N ILE B 33 -11.86 -26.32 25.82
CA ILE B 33 -11.70 -25.72 24.47
C ILE B 33 -10.26 -25.98 24.02
N PHE B 34 -10.12 -26.47 22.80
CA PHE B 34 -8.84 -26.87 22.22
C PHE B 34 -8.69 -26.24 20.84
N VAL B 35 -7.45 -26.18 20.38
CA VAL B 35 -7.04 -25.58 19.09
C VAL B 35 -7.15 -26.65 18.01
N GLN B 36 -8.03 -26.45 17.04
CA GLN B 36 -8.11 -27.42 15.90
C GLN B 36 -7.31 -26.91 14.70
N LEU B 37 -7.00 -25.61 14.64
CA LEU B 37 -6.19 -25.00 13.54
C LEU B 37 -5.42 -23.77 14.06
N VAL B 38 -4.12 -23.74 13.79
CA VAL B 38 -3.24 -22.52 13.78
C VAL B 38 -2.87 -22.24 12.32
N GLN B 39 -2.95 -20.99 11.85
CA GLN B 39 -2.48 -20.58 10.48
C GLN B 39 -1.04 -20.09 10.54
N ALA B 40 -0.23 -20.54 9.57
CA ALA B 40 1.09 -19.94 9.23
C ALA B 40 0.96 -18.40 9.22
N ASN B 41 1.96 -17.68 9.74
CA ASN B 41 2.10 -16.22 9.53
C ASN B 41 0.87 -15.51 10.12
N SER B 42 0.42 -16.00 11.27
CA SER B 42 -0.72 -15.45 12.03
C SER B 42 -0.17 -15.01 13.37
N PRO B 43 -0.88 -14.14 14.11
CA PRO B 43 -0.46 -13.85 15.47
C PRO B 43 -0.35 -15.16 16.25
N ALA B 44 -1.22 -16.14 15.99
CA ALA B 44 -1.27 -17.39 16.78
C ALA B 44 0.03 -18.18 16.55
N SER B 45 0.48 -18.34 15.30
CA SER B 45 1.76 -19.04 15.01
C SER B 45 2.91 -18.26 15.67
N LEU B 46 2.96 -16.93 15.49
CA LEU B 46 4.12 -16.10 15.96
C LEU B 46 4.29 -16.26 17.48
N VAL B 47 3.21 -16.43 18.25
CA VAL B 47 3.34 -16.59 19.73
C VAL B 47 3.42 -18.09 20.08
N GLY B 48 3.45 -18.99 19.10
CA GLY B 48 3.76 -20.40 19.37
C GLY B 48 2.59 -21.17 19.95
N LEU B 49 1.35 -20.76 19.64
CA LEU B 49 0.18 -21.64 19.86
C LEU B 49 0.26 -22.83 18.90
N ARG B 50 -0.25 -23.99 19.31
CA ARG B 50 -0.12 -25.27 18.57
C ARG B 50 -1.46 -26.04 18.54
N PHE B 51 -1.72 -26.77 17.45
CA PHE B 51 -2.79 -27.79 17.41
C PHE B 51 -2.65 -28.66 18.66
N GLY B 52 -3.76 -28.87 19.34
CA GLY B 52 -3.85 -29.70 20.54
C GLY B 52 -3.88 -28.87 21.81
N ASP B 53 -3.44 -27.60 21.74
CA ASP B 53 -3.35 -26.77 22.95
C ASP B 53 -4.77 -26.60 23.52
N GLN B 54 -4.88 -26.70 24.83
CA GLN B 54 -6.13 -26.38 25.58
C GLN B 54 -6.12 -24.88 25.96
N VAL B 55 -7.23 -24.17 25.74
CA VAL B 55 -7.35 -22.76 26.20
C VAL B 55 -8.22 -22.75 27.47
N LEU B 56 -7.63 -22.44 28.61
CA LEU B 56 -8.32 -22.44 29.95
C LEU B 56 -9.10 -21.14 30.08
N GLN B 57 -8.48 -20.05 29.66
CA GLN B 57 -9.10 -18.71 29.70
C GLN B 57 -8.70 -17.84 28.51
N ILE B 58 -9.59 -16.93 28.17
CA ILE B 58 -9.42 -15.85 27.17
C ILE B 58 -9.73 -14.56 27.91
N ASN B 59 -8.74 -13.67 28.05
CA ASN B 59 -8.95 -12.37 28.71
C ASN B 59 -9.50 -12.67 30.10
N GLY B 60 -9.04 -13.73 30.76
CA GLY B 60 -9.39 -13.96 32.19
C GLY B 60 -10.82 -14.44 32.40
N GLU B 61 -11.58 -14.76 31.33
CA GLU B 61 -12.81 -15.58 31.41
C GLU B 61 -12.49 -17.07 31.21
N ASN B 62 -13.09 -17.94 32.02
CA ASN B 62 -12.90 -19.41 31.92
C ASN B 62 -13.65 -19.91 30.67
N CYS B 63 -13.02 -20.78 29.92
CA CYS B 63 -13.58 -21.40 28.69
C CYS B 63 -14.43 -22.62 29.03
N ALA B 64 -14.41 -23.08 30.29
CA ALA B 64 -15.09 -24.32 30.71
C ALA B 64 -16.56 -24.28 30.26
N GLY B 65 -17.01 -25.30 29.53
CA GLY B 65 -18.43 -25.42 29.12
C GLY B 65 -18.72 -24.69 27.81
N TRP B 66 -17.83 -23.86 27.29
CA TRP B 66 -18.12 -23.06 26.06
C TRP B 66 -18.29 -23.99 24.87
N SER B 67 -19.31 -23.75 24.04
CA SER B 67 -19.43 -24.32 22.69
C SER B 67 -18.34 -23.71 21.79
N SER B 68 -17.99 -24.35 20.69
CA SER B 68 -17.05 -23.82 19.68
C SER B 68 -17.54 -22.44 19.19
N ASP B 69 -18.83 -22.31 18.91
CA ASP B 69 -19.48 -21.03 18.47
C ASP B 69 -19.19 -19.93 19.49
N LYS B 70 -19.44 -20.16 20.79
CA LYS B 70 -19.17 -19.12 21.81
C LYS B 70 -17.67 -18.73 21.84
N ALA B 71 -16.76 -19.68 21.66
CA ALA B 71 -15.31 -19.39 21.73
C ALA B 71 -14.89 -18.49 20.54
N HIS B 72 -15.31 -18.87 19.35
CA HIS B 72 -15.18 -18.09 18.09
C HIS B 72 -15.83 -16.71 18.23
N LYS B 73 -17.03 -16.67 18.81
CA LYS B 73 -17.73 -15.39 19.05
C LYS B 73 -16.86 -14.55 19.96
N VAL B 74 -16.29 -15.13 21.00
CA VAL B 74 -15.54 -14.33 22.00
C VAL B 74 -14.28 -13.76 21.31
N LEU B 75 -13.70 -14.50 20.39
CA LEU B 75 -12.50 -14.07 19.64
C LEU B 75 -12.89 -13.00 18.61
N LYS B 76 -14.00 -13.23 17.90
CA LYS B 76 -14.51 -12.25 16.92
C LYS B 76 -14.67 -10.91 17.63
N GLN B 77 -15.16 -10.90 18.87
CA GLN B 77 -15.60 -9.69 19.64
C GLN B 77 -14.49 -9.07 20.47
N ALA B 78 -13.30 -9.69 20.56
CA ALA B 78 -12.22 -9.18 21.41
C ALA B 78 -11.49 -7.98 20.76
N PHE B 79 -11.15 -6.95 21.51
CA PHE B 79 -10.22 -5.87 21.10
C PHE B 79 -8.88 -6.48 20.68
N GLY B 80 -8.34 -6.07 19.54
CA GLY B 80 -7.16 -6.72 18.93
C GLY B 80 -5.82 -6.27 19.51
N GLU B 81 -5.79 -5.25 20.37
CA GLU B 81 -4.52 -4.74 20.95
C GLU B 81 -3.87 -5.83 21.78
N LYS B 82 -4.58 -6.37 22.78
CA LYS B 82 -4.01 -7.39 23.71
C LYS B 82 -5.10 -8.39 24.11
N ILE B 83 -4.86 -9.65 23.75
CA ILE B 83 -5.72 -10.83 24.03
C ILE B 83 -4.83 -11.76 24.85
N THR B 84 -5.20 -12.00 26.11
CA THR B 84 -4.47 -12.92 27.04
C THR B 84 -5.12 -14.30 26.91
N MET B 85 -4.31 -15.33 26.66
CA MET B 85 -4.78 -16.72 26.80
C MET B 85 -3.98 -17.46 27.88
N THR B 86 -4.70 -18.18 28.73
CA THR B 86 -4.08 -19.20 29.62
C THR B 86 -4.11 -20.53 28.87
N ILE B 87 -2.97 -21.18 28.75
CA ILE B 87 -2.78 -22.35 27.84
C ILE B 87 -2.22 -23.52 28.66
N ARG B 88 -2.78 -24.71 28.45
CA ARG B 88 -2.15 -26.00 28.87
C ARG B 88 -1.65 -26.61 27.58
N ASP B 89 -0.40 -27.07 27.57
CA ASP B 89 0.31 -27.46 26.36
C ASP B 89 -0.14 -28.86 25.96
N ARG B 90 -0.75 -28.96 24.77
CA ARG B 90 -1.11 -30.19 24.02
C ARG B 90 -1.39 -31.36 24.97
N PRO B 91 -2.42 -31.26 25.83
CA PRO B 91 -2.62 -32.23 26.91
C PRO B 91 -2.99 -33.65 26.46
N PHE B 92 -3.50 -33.80 25.23
CA PHE B 92 -3.90 -35.14 24.70
C PHE B 92 -2.74 -35.76 23.94
N GLU B 93 -1.58 -35.12 23.93
CA GLU B 93 -0.43 -35.59 23.14
C GLU B 93 0.73 -35.96 24.04
N ARG B 94 1.61 -36.82 23.54
CA ARG B 94 2.91 -37.16 24.17
C ARG B 94 3.97 -37.15 23.07
N THR B 95 5.24 -37.09 23.43
CA THR B 95 6.30 -37.17 22.39
C THR B 95 7.18 -38.38 22.68
N ILE B 96 7.59 -39.06 21.64
CA ILE B 96 8.46 -40.26 21.73
C ILE B 96 9.74 -39.88 20.99
N THR B 97 10.92 -40.28 21.49
CA THR B 97 12.23 -40.03 20.85
C THR B 97 12.81 -41.36 20.40
N MET B 98 13.20 -41.44 19.14
CA MET B 98 13.71 -42.66 18.48
C MET B 98 15.02 -42.31 17.76
N HIS B 99 15.83 -43.32 17.47
CA HIS B 99 17.10 -43.19 16.71
C HIS B 99 16.94 -44.00 15.42
N LYS B 100 17.14 -43.37 14.26
CA LYS B 100 17.17 -44.08 12.96
C LYS B 100 18.22 -45.18 13.05
N ASP B 101 17.96 -46.34 12.49
CA ASP B 101 18.93 -47.45 12.39
C ASP B 101 19.79 -47.21 11.13
N SER B 102 20.65 -48.17 10.74
CA SER B 102 21.65 -48.00 9.64
C SER B 102 20.96 -47.75 8.31
N THR B 103 19.66 -48.07 8.19
CA THR B 103 18.83 -47.92 6.95
C THR B 103 18.02 -46.62 7.02
N GLY B 104 18.12 -45.87 8.12
CA GLY B 104 17.35 -44.63 8.34
C GLY B 104 15.89 -44.89 8.74
N HIS B 105 15.57 -46.06 9.29
CA HIS B 105 14.20 -46.38 9.80
C HIS B 105 14.18 -46.30 11.31
N VAL B 106 13.07 -45.78 11.87
CA VAL B 106 12.79 -45.80 13.34
C VAL B 106 11.86 -46.97 13.66
N GLY B 107 11.03 -47.38 12.71
CA GLY B 107 10.44 -48.73 12.70
C GLY B 107 8.94 -48.74 12.92
N PHE B 108 8.19 -47.95 12.17
CA PHE B 108 6.72 -48.14 12.16
C PHE B 108 6.14 -48.07 10.74
N ILE B 109 4.89 -48.48 10.63
CA ILE B 109 4.08 -48.30 9.39
C ILE B 109 2.96 -47.32 9.74
N PHE B 110 2.58 -46.45 8.82
CA PHE B 110 1.44 -45.53 9.05
C PHE B 110 0.69 -45.32 7.75
N LYS B 111 -0.52 -44.82 7.86
CA LYS B 111 -1.46 -44.55 6.74
C LYS B 111 -2.45 -43.46 7.19
N ASN B 112 -2.79 -42.53 6.30
CA ASN B 112 -3.53 -41.27 6.60
C ASN B 112 -2.96 -40.65 7.88
N GLY B 113 -1.64 -40.67 8.04
CA GLY B 113 -0.97 -40.14 9.24
C GLY B 113 -1.28 -40.91 10.52
N LYS B 114 -1.91 -42.10 10.46
CA LYS B 114 -2.18 -42.90 11.69
C LYS B 114 -1.21 -44.06 11.74
N ILE B 115 -0.51 -44.24 12.86
CA ILE B 115 0.49 -45.36 13.08
C ILE B 115 -0.30 -46.66 13.17
N THR B 116 0.01 -47.63 12.31
CA THR B 116 -0.78 -48.89 12.15
C THR B 116 0.02 -50.10 12.53
N SER B 117 1.34 -50.05 12.57
CA SER B 117 2.13 -51.22 12.98
C SER B 117 3.51 -50.77 13.51
N ILE B 118 4.05 -51.50 14.48
CA ILE B 118 5.38 -51.30 15.10
C ILE B 118 6.32 -52.38 14.61
N VAL B 119 7.43 -52.02 13.97
CA VAL B 119 8.41 -53.01 13.44
C VAL B 119 9.16 -53.63 14.60
N LYS B 120 9.36 -54.96 14.52
CA LYS B 120 10.06 -55.81 15.50
C LYS B 120 11.50 -55.32 15.72
N ASP B 121 11.97 -55.31 16.97
CA ASP B 121 13.39 -55.01 17.33
C ASP B 121 13.84 -53.67 16.73
N SER B 122 12.95 -52.68 16.60
CA SER B 122 13.23 -51.30 16.13
C SER B 122 13.34 -50.30 17.30
N SER B 123 13.75 -49.08 16.99
CA SER B 123 13.79 -47.97 17.97
C SER B 123 12.34 -47.67 18.42
N ALA B 124 11.39 -47.70 17.47
CA ALA B 124 9.95 -47.53 17.73
C ALA B 124 9.51 -48.57 18.78
N ALA B 125 9.91 -49.83 18.63
CA ALA B 125 9.60 -50.89 19.62
C ALA B 125 10.27 -50.59 20.98
N ARG B 126 11.55 -50.24 21.01
CA ARG B 126 12.29 -50.01 22.28
C ARG B 126 11.64 -48.85 23.07
N ASN B 127 11.07 -47.86 22.38
CA ASN B 127 10.55 -46.62 23.00
C ASN B 127 9.02 -46.68 23.23
N GLY B 128 8.36 -47.79 22.93
CA GLY B 128 6.91 -48.03 23.20
C GLY B 128 5.98 -47.19 22.34
N LEU B 129 6.32 -46.94 21.07
CA LEU B 129 5.40 -46.27 20.10
C LEU B 129 4.16 -47.14 20.05
N LEU B 130 2.98 -46.54 20.02
CA LEU B 130 1.65 -47.19 20.00
C LEU B 130 1.00 -47.08 18.62
N THR B 131 0.18 -48.05 18.24
CA THR B 131 -0.63 -47.98 17.01
C THR B 131 -1.90 -47.20 17.32
N GLU B 132 -2.73 -46.94 16.33
CA GLU B 132 -4.04 -46.25 16.52
C GLU B 132 -3.77 -44.88 17.18
N HIS B 133 -2.66 -44.25 16.77
CA HIS B 133 -2.25 -42.87 17.16
C HIS B 133 -1.92 -42.09 15.89
N ASN B 134 -2.50 -40.92 15.77
CA ASN B 134 -2.19 -39.94 14.70
C ASN B 134 -0.89 -39.22 15.03
N ILE B 135 -0.04 -39.10 14.03
CA ILE B 135 1.18 -38.24 14.05
C ILE B 135 0.77 -36.78 13.93
N CYS B 136 1.02 -35.96 14.97
CA CYS B 136 0.70 -34.51 14.98
C CYS B 136 1.94 -33.68 14.62
N GLU B 137 3.09 -34.03 15.20
CA GLU B 137 4.33 -33.29 14.94
C GLU B 137 5.47 -34.26 14.70
N ILE B 138 6.48 -33.80 13.94
CA ILE B 138 7.81 -34.45 13.82
C ILE B 138 8.86 -33.41 14.19
N ASN B 139 9.69 -33.67 15.20
CA ASN B 139 10.74 -32.71 15.62
C ASN B 139 10.10 -31.33 15.93
N GLY B 140 8.87 -31.32 16.45
CA GLY B 140 8.12 -30.08 16.81
C GLY B 140 7.39 -29.43 15.65
N GLN B 141 7.57 -29.94 14.43
CA GLN B 141 6.89 -29.46 13.21
C GLN B 141 5.54 -30.15 13.05
N ASN B 142 4.46 -29.37 13.04
CA ASN B 142 3.10 -29.81 12.70
C ASN B 142 3.06 -30.39 11.27
N VAL B 143 2.57 -31.63 11.13
CA VAL B 143 2.41 -32.34 9.83
C VAL B 143 0.94 -32.70 9.60
N ILE B 144 0.02 -32.02 10.28
CA ILE B 144 -1.43 -32.37 10.18
C ILE B 144 -2.00 -31.82 8.89
N GLY B 145 -2.63 -32.69 8.10
CA GLY B 145 -3.19 -32.39 6.78
C GLY B 145 -2.18 -32.62 5.65
N LEU B 146 -0.92 -32.93 5.93
CA LEU B 146 0.08 -33.34 4.91
C LEU B 146 -0.18 -34.77 4.45
N LYS B 147 0.24 -35.10 3.22
CA LYS B 147 0.13 -36.44 2.59
C LYS B 147 1.16 -37.39 3.21
N ASP B 148 0.88 -38.67 3.22
CA ASP B 148 1.79 -39.69 3.80
C ASP B 148 3.19 -39.54 3.19
N SER B 149 3.30 -39.11 1.94
CA SER B 149 4.62 -39.03 1.25
C SER B 149 5.38 -37.84 1.82
N GLN B 150 4.68 -36.73 2.10
CA GLN B 150 5.31 -35.51 2.71
C GLN B 150 5.82 -35.80 4.13
N ILE B 151 5.01 -36.48 4.96
CA ILE B 151 5.42 -36.91 6.35
C ILE B 151 6.62 -37.85 6.19
N ALA B 152 6.58 -38.78 5.23
CA ALA B 152 7.76 -39.67 4.98
C ALA B 152 9.01 -38.85 4.67
N ASP B 153 8.91 -37.84 3.80
CA ASP B 153 10.06 -37.00 3.34
C ASP B 153 10.65 -36.27 4.54
N ILE B 154 9.81 -35.67 5.36
CA ILE B 154 10.23 -34.96 6.61
C ILE B 154 10.93 -35.97 7.54
N LEU B 155 10.43 -37.21 7.66
CA LEU B 155 11.13 -38.23 8.46
C LEU B 155 12.51 -38.49 7.82
N SER B 156 12.60 -38.56 6.50
CA SER B 156 13.88 -38.90 5.81
C SER B 156 14.87 -37.74 5.96
N THR B 157 14.42 -36.47 5.88
CA THR B 157 15.31 -35.28 5.91
C THR B 157 15.67 -34.98 7.35
N SER B 158 15.00 -35.59 8.33
CA SER B 158 15.36 -35.49 9.77
C SER B 158 16.72 -36.12 10.01
N GLY B 159 17.40 -35.67 11.07
CA GLY B 159 18.62 -36.31 11.58
C GLY B 159 18.30 -37.69 12.14
N THR B 160 19.29 -38.31 12.74
CA THR B 160 19.24 -39.65 13.36
C THR B 160 18.22 -39.63 14.48
N VAL B 161 18.35 -38.65 15.37
CA VAL B 161 17.47 -38.54 16.55
C VAL B 161 16.18 -37.90 16.04
N VAL B 162 15.06 -38.63 16.10
CA VAL B 162 13.72 -38.18 15.65
C VAL B 162 12.74 -38.19 16.83
N THR B 163 12.01 -37.11 16.99
CA THR B 163 10.96 -36.96 18.02
C THR B 163 9.61 -36.90 17.31
N ILE B 164 8.65 -37.76 17.71
CA ILE B 164 7.26 -37.73 17.17
C ILE B 164 6.30 -37.36 18.29
N THR B 165 5.34 -36.51 17.96
CA THR B 165 4.27 -36.09 18.90
C THR B 165 3.03 -36.84 18.41
N ILE B 166 2.36 -37.61 19.28
CA ILE B 166 1.25 -38.51 18.87
C ILE B 166 0.05 -38.20 19.74
N MET B 167 -1.14 -38.51 19.23
CA MET B 167 -2.44 -38.30 19.90
C MET B 167 -3.31 -39.55 19.61
N PRO B 168 -3.96 -40.14 20.63
CA PRO B 168 -4.93 -41.22 20.39
C PRO B 168 -5.90 -40.85 19.25
N ALA B 169 -6.01 -41.75 18.28
CA ALA B 169 -6.79 -41.55 17.02
C ALA B 169 -8.20 -41.04 17.34
N PHE B 170 -8.87 -41.67 18.32
N PHE B 170 -8.90 -41.69 18.27
CA PHE B 170 -10.28 -41.36 18.70
CA PHE B 170 -10.28 -41.33 18.66
C PHE B 170 -10.39 -39.90 19.13
C PHE B 170 -10.34 -39.85 19.04
N ILE B 171 -9.38 -39.38 19.85
CA ILE B 171 -9.35 -37.95 20.28
C ILE B 171 -9.04 -37.08 19.05
N PHE B 172 -8.07 -37.47 18.20
CA PHE B 172 -7.72 -36.72 16.97
C PHE B 172 -8.96 -36.58 16.05
N GLU B 173 -9.65 -37.68 15.78
CA GLU B 173 -10.88 -37.67 14.95
C GLU B 173 -11.92 -36.69 15.54
N HIS B 174 -12.01 -36.54 16.86
CA HIS B 174 -12.98 -35.63 17.54
C HIS B 174 -12.57 -34.16 17.33
N ILE B 175 -11.29 -33.86 17.54
CA ILE B 175 -10.74 -32.48 17.53
C ILE B 175 -10.93 -31.88 16.13
N ILE B 176 -10.85 -32.67 15.07
CA ILE B 176 -10.91 -32.15 13.67
C ILE B 176 -12.33 -32.12 13.11
N LYS B 177 -13.34 -32.59 13.83
CA LYS B 177 -14.77 -32.38 13.45
C LYS B 177 -15.09 -30.88 13.39
N ARG B 178 -16.09 -30.49 12.58
CA ARG B 178 -16.56 -29.09 12.35
C ARG B 178 -15.42 -28.23 11.76
N MET B 179 -14.68 -28.80 10.81
CA MET B 179 -13.59 -28.13 10.07
C MET B 179 -13.47 -28.87 8.74
N ALA B 180 -13.68 -28.18 7.62
CA ALA B 180 -13.61 -28.75 6.25
C ALA B 180 -12.22 -29.30 6.03
N PRO B 181 -12.09 -30.59 5.67
CA PRO B 181 -10.79 -31.19 5.31
C PRO B 181 -9.83 -30.38 4.44
N SER B 182 -10.34 -29.40 3.70
CA SER B 182 -9.60 -28.62 2.67
C SER B 182 -9.03 -27.37 3.34
N ILE B 183 -9.74 -26.84 4.35
CA ILE B 183 -9.22 -25.77 5.27
C ILE B 183 -8.00 -26.28 6.06
N MET B 184 -8.14 -27.48 6.63
CA MET B 184 -7.13 -28.16 7.48
C MET B 184 -5.93 -28.50 6.59
N LYS B 185 -6.15 -28.82 5.32
CA LYS B 185 -5.05 -29.17 4.38
C LYS B 185 -4.33 -27.88 3.97
N SER B 186 -5.05 -26.80 3.70
CA SER B 186 -4.48 -25.63 2.99
C SER B 186 -3.95 -24.61 3.99
N LEU B 187 -4.57 -24.47 5.18
CA LEU B 187 -4.27 -23.36 6.11
C LEU B 187 -3.40 -23.81 7.29
N MET B 188 -3.31 -25.12 7.60
CA MET B 188 -2.59 -25.60 8.80
C MET B 188 -1.13 -25.14 8.74
N ASP B 189 -0.64 -24.62 9.87
CA ASP B 189 0.74 -24.11 10.07
C ASP B 189 1.69 -25.30 10.03
N HIS B 190 2.78 -25.22 9.28
CA HIS B 190 3.81 -26.27 9.17
C HIS B 190 5.20 -25.66 9.35
N THR B 191 5.27 -24.49 9.95
CA THR B 191 6.51 -23.79 10.38
C THR B 191 7.48 -24.73 11.10
N ILE B 192 8.76 -24.57 10.82
CA ILE B 192 9.85 -25.23 11.57
C ILE B 192 10.10 -24.38 12.81
N PRO B 193 10.06 -25.01 14.02
CA PRO B 193 10.28 -24.30 15.28
C PRO B 193 11.57 -23.47 15.25
N GLU B 194 11.43 -22.21 15.67
CA GLU B 194 12.53 -21.22 15.70
C GLU B 194 13.04 -21.12 17.12
N VAL B 195 14.26 -20.63 17.29
CA VAL B 195 14.77 -20.14 18.59
C VAL B 195 14.94 -18.62 18.50
N ALA C 3 -3.35 31.11 1.25
CA ALA C 3 -3.11 29.62 1.24
C ALA C 3 -4.06 28.94 2.23
N GLU C 4 -4.04 29.37 3.49
CA GLU C 4 -4.42 28.56 4.67
C GLU C 4 -5.92 28.71 4.93
N ILE C 5 -6.61 27.60 5.20
CA ILE C 5 -8.10 27.47 5.10
C ILE C 5 -8.73 28.26 6.27
N LYS C 6 -9.59 29.24 5.95
CA LYS C 6 -10.32 30.10 6.92
C LYS C 6 -11.61 29.39 7.33
N GLN C 7 -11.70 28.96 8.59
CA GLN C 7 -12.80 28.09 9.13
C GLN C 7 -14.00 28.96 9.54
N GLY C 8 -15.18 28.64 9.00
CA GLY C 8 -16.39 29.46 9.07
C GLY C 8 -16.80 29.95 7.69
N ILE C 9 -17.74 30.88 7.68
CA ILE C 9 -18.54 31.26 6.50
C ILE C 9 -18.34 32.75 6.22
N ARG C 10 -18.28 33.16 4.97
CA ARG C 10 -18.15 34.61 4.63
C ARG C 10 -19.08 34.94 3.46
N GLU C 11 -19.61 36.17 3.45
CA GLU C 11 -20.47 36.70 2.36
C GLU C 11 -19.54 37.33 1.30
N VAL C 12 -19.79 37.13 0.01
CA VAL C 12 -19.11 37.93 -1.05
C VAL C 12 -20.18 38.58 -1.92
N ILE C 13 -19.86 39.75 -2.47
CA ILE C 13 -20.76 40.59 -3.28
C ILE C 13 -20.08 40.75 -4.64
N LEU C 14 -20.74 40.36 -5.73
CA LEU C 14 -20.20 40.34 -7.12
C LEU C 14 -21.11 41.16 -8.02
N CYS C 15 -20.51 41.70 -9.08
CA CYS C 15 -21.16 42.25 -10.27
C CYS C 15 -20.76 41.48 -11.53
N LYS C 16 -21.74 41.21 -12.40
CA LYS C 16 -21.48 40.67 -13.76
C LYS C 16 -20.55 41.66 -14.49
N ASP C 17 -19.57 41.17 -15.25
CA ASP C 17 -18.68 42.06 -16.06
C ASP C 17 -19.44 42.60 -17.28
N GLN C 18 -18.75 43.36 -18.13
CA GLN C 18 -19.23 43.88 -19.44
C GLN C 18 -19.93 42.78 -20.27
N ASP C 19 -19.51 41.50 -20.19
CA ASP C 19 -20.10 40.41 -21.00
C ASP C 19 -21.20 39.61 -20.25
N GLY C 20 -21.68 40.09 -19.08
CA GLY C 20 -22.75 39.43 -18.28
C GLY C 20 -22.27 38.18 -17.51
N LYS C 21 -20.97 38.04 -17.28
CA LYS C 21 -20.35 36.84 -16.68
C LYS C 21 -19.73 37.20 -15.34
N ILE C 22 -19.64 36.26 -14.39
CA ILE C 22 -18.84 36.38 -13.13
C ILE C 22 -17.60 35.47 -13.23
N GLY C 23 -17.56 34.52 -14.16
CA GLY C 23 -16.35 33.72 -14.41
C GLY C 23 -16.22 32.52 -13.48
N LEU C 24 -17.32 31.75 -13.32
CA LEU C 24 -17.43 30.59 -12.39
C LEU C 24 -17.95 29.37 -13.14
N ARG C 25 -17.45 28.19 -12.80
CA ARG C 25 -18.16 26.91 -13.02
C ARG C 25 -18.42 26.27 -11.65
N LEU C 26 -19.64 25.79 -11.47
CA LEU C 26 -20.16 25.20 -10.20
C LEU C 26 -20.51 23.73 -10.43
N LYS C 27 -20.45 22.91 -9.38
CA LYS C 27 -20.64 21.45 -9.46
C LYS C 27 -21.32 20.95 -8.19
N SER C 28 -22.32 20.11 -8.38
CA SER C 28 -23.07 19.42 -7.30
C SER C 28 -22.16 18.34 -6.75
N ILE C 29 -21.85 18.37 -5.44
CA ILE C 29 -21.12 17.29 -4.74
C ILE C 29 -21.84 17.01 -3.42
N ASP C 30 -22.27 15.77 -3.18
CA ASP C 30 -22.81 15.36 -1.86
C ASP C 30 -23.92 16.36 -1.42
N ASN C 31 -24.80 16.78 -2.35
CA ASN C 31 -25.94 17.72 -2.16
C ASN C 31 -25.50 19.12 -1.65
N GLY C 32 -24.25 19.49 -1.92
CA GLY C 32 -23.86 20.90 -1.97
C GLY C 32 -23.49 21.34 -3.38
N ILE C 33 -23.08 22.60 -3.46
CA ILE C 33 -22.55 23.23 -4.69
C ILE C 33 -21.12 23.70 -4.42
N PHE C 34 -20.17 23.26 -5.26
CA PHE C 34 -18.74 23.63 -5.16
C PHE C 34 -18.26 24.32 -6.45
N VAL C 35 -17.28 25.19 -6.31
CA VAL C 35 -16.53 25.89 -7.40
C VAL C 35 -15.62 24.86 -8.08
N GLN C 36 -15.87 24.50 -9.35
CA GLN C 36 -14.96 23.61 -10.13
C GLN C 36 -14.06 24.44 -11.05
N LEU C 37 -14.38 25.72 -11.21
CA LEU C 37 -13.43 26.63 -11.91
C LEU C 37 -13.75 28.10 -11.65
N VAL C 38 -12.67 28.86 -11.47
CA VAL C 38 -12.65 30.34 -11.38
C VAL C 38 -11.80 30.79 -12.57
N GLN C 39 -12.25 31.76 -13.35
CA GLN C 39 -11.36 32.32 -14.43
C GLN C 39 -10.54 33.50 -13.91
N ALA C 40 -9.31 33.63 -14.40
CA ALA C 40 -8.42 34.78 -14.11
C ALA C 40 -9.09 36.09 -14.51
N ASN C 41 -8.84 37.15 -13.74
N ASN C 41 -8.70 37.18 -13.83
CA ASN C 41 -9.24 38.55 -14.08
CA ASN C 41 -9.27 38.55 -13.94
C ASN C 41 -10.78 38.69 -14.08
C ASN C 41 -10.74 38.45 -14.34
N SER C 42 -11.51 37.68 -13.56
CA SER C 42 -12.99 37.63 -13.61
C SER C 42 -13.49 38.27 -12.33
N PRO C 43 -14.77 38.68 -12.25
CA PRO C 43 -15.32 39.17 -10.99
C PRO C 43 -15.14 38.20 -9.81
N ALA C 44 -15.35 36.90 -10.08
CA ALA C 44 -15.22 35.78 -9.11
C ALA C 44 -13.81 35.79 -8.52
N SER C 45 -12.77 35.83 -9.35
CA SER C 45 -11.37 35.79 -8.87
C SER C 45 -11.07 37.07 -8.09
N LEU C 46 -11.48 38.22 -8.63
CA LEU C 46 -11.17 39.53 -8.02
C LEU C 46 -11.72 39.53 -6.59
N VAL C 47 -12.88 38.93 -6.35
CA VAL C 47 -13.57 39.03 -5.04
C VAL C 47 -13.03 37.95 -4.08
N GLY C 48 -12.23 36.99 -4.59
CA GLY C 48 -11.49 36.00 -3.78
C GLY C 48 -12.01 34.57 -3.84
N LEU C 49 -12.98 34.23 -4.70
CA LEU C 49 -13.47 32.83 -4.84
C LEU C 49 -12.33 31.96 -5.36
N ARG C 50 -12.26 30.73 -4.86
CA ARG C 50 -11.19 29.76 -5.20
C ARG C 50 -11.81 28.43 -5.57
N PHE C 51 -11.10 27.68 -6.38
CA PHE C 51 -11.42 26.26 -6.68
C PHE C 51 -11.66 25.55 -5.35
N GLY C 52 -12.76 24.85 -5.19
CA GLY C 52 -12.97 24.03 -3.98
C GLY C 52 -13.92 24.69 -2.98
N ASP C 53 -14.20 25.97 -3.15
CA ASP C 53 -15.13 26.74 -2.27
C ASP C 53 -16.54 26.15 -2.40
N GLN C 54 -17.25 26.06 -1.27
CA GLN C 54 -18.66 25.63 -1.19
C GLN C 54 -19.53 26.90 -1.20
N VAL C 55 -20.54 26.95 -2.06
CA VAL C 55 -21.61 28.00 -2.09
C VAL C 55 -22.83 27.47 -1.31
N LEU C 56 -23.11 28.08 -0.17
CA LEU C 56 -24.20 27.72 0.75
C LEU C 56 -25.48 28.42 0.27
N GLN C 57 -25.37 29.70 -0.09
CA GLN C 57 -26.50 30.56 -0.54
C GLN C 57 -26.05 31.41 -1.75
N ILE C 58 -26.98 31.59 -2.69
CA ILE C 58 -26.93 32.60 -3.77
C ILE C 58 -28.15 33.52 -3.61
N ASN C 59 -27.92 34.82 -3.44
CA ASN C 59 -28.96 35.86 -3.15
C ASN C 59 -29.91 35.38 -2.05
N GLY C 60 -29.38 34.74 -1.01
CA GLY C 60 -30.08 34.37 0.25
C GLY C 60 -30.89 33.08 0.16
N GLU C 61 -30.91 32.41 -1.00
CA GLU C 61 -31.52 31.09 -1.18
C GLU C 61 -30.47 30.01 -0.95
N ASN C 62 -30.88 28.90 -0.35
CA ASN C 62 -29.97 27.78 -0.01
C ASN C 62 -29.66 26.99 -1.28
N CYS C 63 -28.38 26.64 -1.50
CA CYS C 63 -27.91 25.81 -2.66
C CYS C 63 -28.12 24.33 -2.42
N ALA C 64 -28.37 23.91 -1.17
CA ALA C 64 -28.48 22.50 -0.79
C ALA C 64 -29.39 21.76 -1.78
N GLY C 65 -28.87 20.67 -2.35
CA GLY C 65 -29.63 19.78 -3.26
C GLY C 65 -29.70 20.27 -4.69
N TRP C 66 -29.14 21.42 -5.04
CA TRP C 66 -29.24 21.95 -6.43
C TRP C 66 -28.37 21.10 -7.33
N SER C 67 -28.87 20.76 -8.52
CA SER C 67 -28.02 20.32 -9.64
C SER C 67 -27.07 21.47 -10.01
N SER C 68 -25.90 21.12 -10.53
CA SER C 68 -25.00 22.02 -11.31
C SER C 68 -25.81 22.87 -12.31
N ASP C 69 -26.69 22.26 -13.11
CA ASP C 69 -27.55 23.00 -14.08
C ASP C 69 -28.39 24.07 -13.35
N LYS C 70 -29.04 23.74 -12.24
CA LYS C 70 -29.91 24.71 -11.53
C LYS C 70 -29.07 25.90 -11.04
N ALA C 71 -27.88 25.64 -10.50
CA ALA C 71 -26.97 26.67 -9.95
C ALA C 71 -26.57 27.65 -11.07
N HIS C 72 -26.34 27.12 -12.27
CA HIS C 72 -25.92 27.92 -13.46
C HIS C 72 -27.14 28.72 -13.93
N LYS C 73 -28.33 28.13 -13.91
CA LYS C 73 -29.53 28.83 -14.41
C LYS C 73 -29.80 30.02 -13.48
N VAL C 74 -29.74 29.80 -12.17
CA VAL C 74 -29.97 30.86 -11.14
C VAL C 74 -28.97 31.99 -11.39
N LEU C 75 -27.68 31.69 -11.57
CA LEU C 75 -26.71 32.80 -11.75
C LEU C 75 -26.95 33.49 -13.12
N LYS C 76 -27.19 32.72 -14.19
CA LYS C 76 -27.47 33.27 -15.56
C LYS C 76 -28.67 34.23 -15.51
N GLN C 77 -29.64 33.98 -14.61
CA GLN C 77 -30.92 34.75 -14.49
C GLN C 77 -30.81 35.89 -13.49
N ALA C 78 -29.72 35.98 -12.75
CA ALA C 78 -29.53 37.01 -11.69
C ALA C 78 -29.18 38.35 -12.33
N PHE C 79 -30.04 39.34 -12.15
CA PHE C 79 -29.85 40.69 -12.73
C PHE C 79 -30.34 41.75 -11.75
N GLY C 80 -30.09 41.58 -10.45
CA GLY C 80 -30.15 42.69 -9.48
C GLY C 80 -29.03 43.67 -9.77
N GLU C 81 -28.65 44.54 -8.82
CA GLU C 81 -27.45 45.41 -9.00
C GLU C 81 -26.21 44.69 -8.41
N LYS C 82 -26.41 43.71 -7.54
CA LYS C 82 -25.32 42.83 -7.07
C LYS C 82 -25.82 41.37 -6.99
N ILE C 83 -24.87 40.43 -6.94
CA ILE C 83 -25.08 39.01 -6.56
C ILE C 83 -24.37 38.82 -5.23
N THR C 84 -25.07 38.26 -4.23
CA THR C 84 -24.50 37.85 -2.92
C THR C 84 -24.37 36.33 -2.90
N MET C 85 -23.21 35.83 -2.48
CA MET C 85 -22.91 34.40 -2.20
C MET C 85 -22.38 34.32 -0.76
N THR C 86 -22.88 33.35 -0.01
CA THR C 86 -22.33 32.88 1.28
C THR C 86 -21.47 31.64 0.99
N ILE C 87 -20.23 31.69 1.44
CA ILE C 87 -19.14 30.76 1.04
C ILE C 87 -18.55 30.11 2.29
N ARG C 88 -18.20 28.82 2.17
CA ARG C 88 -17.36 28.12 3.16
C ARG C 88 -16.04 27.81 2.44
N ASP C 89 -14.94 28.16 3.09
CA ASP C 89 -13.57 28.13 2.53
C ASP C 89 -13.14 26.69 2.31
N ARG C 90 -12.74 26.39 1.07
CA ARG C 90 -12.20 25.11 0.57
C ARG C 90 -12.38 23.95 1.55
N PRO C 91 -13.61 23.46 1.84
CA PRO C 91 -13.86 22.54 2.94
C PRO C 91 -13.29 21.13 2.75
N PHE C 92 -13.01 20.73 1.50
CA PHE C 92 -12.43 19.41 1.18
C PHE C 92 -10.90 19.54 1.19
N GLU C 93 -10.33 20.71 1.43
CA GLU C 93 -8.86 20.82 1.33
C GLU C 93 -8.20 21.10 2.66
N ARG C 94 -6.90 20.80 2.74
N ARG C 94 -6.91 20.80 2.77
CA ARG C 94 -6.00 21.05 3.90
CA ARG C 94 -6.06 21.16 3.94
C ARG C 94 -4.69 21.67 3.38
C ARG C 94 -4.67 21.60 3.44
N THR C 95 -3.99 22.43 4.22
CA THR C 95 -2.62 22.94 3.89
C THR C 95 -1.58 22.33 4.83
N ILE C 96 -0.46 21.90 4.27
CA ILE C 96 0.72 21.32 4.95
C ILE C 96 1.85 22.28 4.65
N THR C 97 2.56 22.70 5.69
CA THR C 97 3.78 23.53 5.59
C THR C 97 5.02 22.67 5.78
N MET C 98 5.96 22.79 4.84
CA MET C 98 7.20 22.00 4.82
C MET C 98 8.40 22.94 4.61
N HIS C 99 9.58 22.43 4.92
CA HIS C 99 10.89 23.11 4.83
C HIS C 99 11.75 22.25 3.90
N LYS C 100 12.35 22.82 2.85
CA LYS C 100 13.24 22.03 1.96
C LYS C 100 14.48 21.57 2.74
N ASP C 101 15.06 20.42 2.36
CA ASP C 101 16.40 20.00 2.87
C ASP C 101 17.44 20.89 2.20
N SER C 102 18.73 20.65 2.44
CA SER C 102 19.86 21.51 1.99
C SER C 102 19.95 21.50 0.46
N THR C 103 19.53 20.41 -0.16
CA THR C 103 19.55 20.25 -1.64
C THR C 103 18.28 20.87 -2.25
N GLY C 104 17.32 21.36 -1.47
CA GLY C 104 16.13 22.05 -2.01
C GLY C 104 14.99 21.11 -2.38
N HIS C 105 14.90 19.93 -1.78
CA HIS C 105 13.79 18.94 -1.95
C HIS C 105 12.83 19.00 -0.76
N VAL C 106 11.52 18.91 -1.01
CA VAL C 106 10.43 18.93 0.02
C VAL C 106 10.31 17.55 0.68
N GLY C 107 10.28 16.53 -0.20
CA GLY C 107 10.29 15.10 0.14
C GLY C 107 9.08 14.36 -0.41
N PHE C 108 8.73 14.59 -1.67
CA PHE C 108 7.61 13.84 -2.29
C PHE C 108 7.75 13.76 -3.80
N ILE C 109 7.13 12.73 -4.36
CA ILE C 109 6.96 12.47 -5.83
C ILE C 109 5.50 12.73 -6.18
N PHE C 110 5.24 13.25 -7.40
CA PHE C 110 3.88 13.43 -7.94
C PHE C 110 3.85 13.12 -9.44
N LYS C 111 2.65 12.78 -9.93
CA LYS C 111 2.34 12.46 -11.33
C LYS C 111 0.93 13.00 -11.58
N ASN C 112 0.78 13.86 -12.56
CA ASN C 112 -0.50 14.54 -12.91
C ASN C 112 -0.99 15.30 -11.66
N GLY C 113 -0.09 15.91 -10.90
CA GLY C 113 -0.40 16.76 -9.72
C GLY C 113 -0.89 15.93 -8.54
N LYS C 114 -0.83 14.61 -8.61
CA LYS C 114 -1.23 13.70 -7.51
C LYS C 114 0.02 13.17 -6.82
N ILE C 115 0.11 13.37 -5.50
CA ILE C 115 1.28 12.92 -4.70
C ILE C 115 1.21 11.39 -4.67
N THR C 116 2.34 10.74 -5.02
CA THR C 116 2.41 9.28 -5.30
C THR C 116 3.37 8.63 -4.33
N SER C 117 4.34 9.34 -3.76
CA SER C 117 5.15 8.77 -2.66
C SER C 117 5.83 9.85 -1.82
N ILE C 118 6.10 9.49 -0.55
CA ILE C 118 6.71 10.37 0.48
C ILE C 118 8.10 9.83 0.78
N VAL C 119 9.09 10.72 0.85
CA VAL C 119 10.49 10.29 1.12
C VAL C 119 10.64 10.16 2.63
N LYS C 120 11.21 9.03 3.06
CA LYS C 120 11.53 8.73 4.48
C LYS C 120 12.44 9.84 4.97
N ASP C 121 12.17 10.38 6.16
CA ASP C 121 13.06 11.33 6.88
C ASP C 121 13.05 12.70 6.18
N SER C 122 12.03 12.98 5.37
CA SER C 122 11.81 14.28 4.69
C SER C 122 10.94 15.17 5.56
N SER C 123 10.92 16.48 5.28
CA SER C 123 9.94 17.42 5.89
C SER C 123 8.51 17.04 5.51
N ALA C 124 8.25 16.62 4.25
CA ALA C 124 6.93 16.06 3.85
C ALA C 124 6.46 15.02 4.91
N ALA C 125 7.29 14.01 5.18
CA ALA C 125 6.96 12.88 6.08
C ALA C 125 6.73 13.41 7.52
N ARG C 126 7.64 14.21 8.09
CA ARG C 126 7.49 14.77 9.46
C ARG C 126 6.18 15.53 9.59
N ASN C 127 5.74 16.18 8.51
CA ASN C 127 4.49 17.00 8.56
C ASN C 127 3.31 16.15 8.05
N GLY C 128 3.53 14.89 7.66
CA GLY C 128 2.46 13.91 7.40
C GLY C 128 1.61 14.25 6.20
N LEU C 129 2.25 14.74 5.13
CA LEU C 129 1.72 14.75 3.75
C LEU C 129 1.33 13.32 3.39
N LEU C 130 0.26 13.19 2.65
CA LEU C 130 -0.39 11.91 2.26
C LEU C 130 -0.29 11.69 0.74
N THR C 131 -0.25 10.43 0.33
CA THR C 131 -0.33 10.00 -1.08
C THR C 131 -1.80 9.96 -1.47
N GLU C 132 -2.09 9.76 -2.75
CA GLU C 132 -3.47 9.76 -3.22
C GLU C 132 -4.12 11.13 -2.93
N HIS C 133 -3.36 12.22 -3.02
CA HIS C 133 -3.88 13.58 -2.78
C HIS C 133 -3.45 14.48 -3.95
N ASN C 134 -4.37 15.25 -4.55
CA ASN C 134 -4.04 16.23 -5.61
C ASN C 134 -3.58 17.57 -5.00
N ILE C 135 -2.51 18.10 -5.58
CA ILE C 135 -1.98 19.46 -5.30
C ILE C 135 -2.93 20.46 -5.97
N CYS C 136 -3.61 21.28 -5.15
CA CYS C 136 -4.56 22.33 -5.56
C CYS C 136 -3.81 23.68 -5.64
N GLU C 137 -2.95 23.96 -4.66
CA GLU C 137 -2.26 25.25 -4.54
C GLU C 137 -0.85 25.00 -4.00
N ILE C 138 0.10 25.82 -4.45
CA ILE C 138 1.43 26.06 -3.81
C ILE C 138 1.50 27.52 -3.35
N ASN C 139 1.86 27.74 -2.08
CA ASN C 139 1.83 29.04 -1.36
C ASN C 139 0.65 29.87 -1.87
N GLY C 140 -0.54 29.29 -1.92
CA GLY C 140 -1.80 30.01 -2.20
C GLY C 140 -2.07 30.23 -3.67
N GLN C 141 -1.17 29.77 -4.53
CA GLN C 141 -1.37 29.87 -5.99
C GLN C 141 -2.02 28.58 -6.54
N ASN C 142 -3.20 28.70 -7.15
CA ASN C 142 -3.87 27.58 -7.87
C ASN C 142 -2.89 27.03 -8.93
N VAL C 143 -2.67 25.70 -8.95
CA VAL C 143 -1.77 25.08 -9.97
C VAL C 143 -2.57 24.01 -10.72
N ILE C 144 -3.89 24.10 -10.70
CA ILE C 144 -4.75 23.03 -11.29
C ILE C 144 -4.84 23.24 -12.79
N GLY C 145 -4.46 22.20 -13.54
CA GLY C 145 -4.40 22.21 -15.00
C GLY C 145 -3.00 22.42 -15.52
N LEU C 146 -2.04 22.85 -14.70
CA LEU C 146 -0.60 23.03 -15.06
C LEU C 146 0.06 21.66 -15.31
N LYS C 147 1.10 21.60 -16.15
CA LYS C 147 1.90 20.39 -16.35
C LYS C 147 2.68 20.07 -15.08
N ASP C 148 3.10 18.81 -14.92
CA ASP C 148 3.96 18.43 -13.77
C ASP C 148 5.21 19.34 -13.79
N SER C 149 5.78 19.62 -14.97
CA SER C 149 7.02 20.40 -15.16
C SER C 149 6.83 21.84 -14.65
N GLN C 150 5.69 22.45 -14.89
CA GLN C 150 5.35 23.77 -14.31
C GLN C 150 5.14 23.71 -12.79
N ILE C 151 4.44 22.70 -12.30
CA ILE C 151 4.23 22.52 -10.84
C ILE C 151 5.62 22.38 -10.22
N ALA C 152 6.48 21.50 -10.74
CA ALA C 152 7.86 21.34 -10.21
C ALA C 152 8.65 22.66 -10.33
N ASP C 153 8.50 23.43 -11.40
CA ASP C 153 9.24 24.72 -11.54
C ASP C 153 8.81 25.67 -10.42
N ILE C 154 7.50 25.73 -10.11
CA ILE C 154 6.93 26.61 -9.04
C ILE C 154 7.49 26.16 -7.68
N LEU C 155 7.62 24.85 -7.47
CA LEU C 155 8.21 24.33 -6.21
C LEU C 155 9.65 24.83 -6.06
N SER C 156 10.43 24.69 -7.13
CA SER C 156 11.87 25.09 -7.23
C SER C 156 12.04 26.52 -6.76
N THR C 157 11.18 27.41 -7.24
CA THR C 157 11.26 28.90 -7.13
C THR C 157 10.42 29.42 -5.95
N SER C 158 9.79 28.54 -5.18
CA SER C 158 9.37 28.91 -3.81
C SER C 158 10.65 28.98 -2.98
N GLY C 159 10.60 29.63 -1.84
CA GLY C 159 11.75 29.64 -0.93
C GLY C 159 11.89 28.28 -0.26
N THR C 160 12.43 28.29 0.95
CA THR C 160 12.77 27.04 1.68
C THR C 160 11.49 26.54 2.38
N VAL C 161 10.57 27.44 2.71
CA VAL C 161 9.29 27.13 3.40
C VAL C 161 8.14 27.07 2.38
N VAL C 162 7.59 25.89 2.11
CA VAL C 162 6.59 25.59 1.03
C VAL C 162 5.27 25.11 1.68
N THR C 163 4.16 25.77 1.37
CA THR C 163 2.79 25.42 1.80
C THR C 163 2.06 24.78 0.64
N ILE C 164 1.66 23.52 0.76
CA ILE C 164 0.88 22.84 -0.31
C ILE C 164 -0.57 22.71 0.18
N THR C 165 -1.54 23.11 -0.64
CA THR C 165 -2.97 22.86 -0.36
C THR C 165 -3.38 21.61 -1.12
N ILE C 166 -3.84 20.59 -0.40
CA ILE C 166 -4.13 19.25 -0.96
C ILE C 166 -5.60 18.85 -0.75
N MET C 167 -6.06 17.92 -1.58
CA MET C 167 -7.44 17.39 -1.64
C MET C 167 -7.34 15.90 -1.88
N PRO C 168 -8.08 15.05 -1.12
CA PRO C 168 -8.17 13.63 -1.44
C PRO C 168 -8.50 13.47 -2.92
N ALA C 169 -7.74 12.61 -3.60
CA ALA C 169 -7.80 12.40 -5.06
C ALA C 169 -9.22 12.05 -5.54
N PHE C 170 -9.96 11.24 -4.78
N PHE C 170 -9.96 11.21 -4.80
CA PHE C 170 -11.31 10.74 -5.19
CA PHE C 170 -11.32 10.73 -5.19
C PHE C 170 -12.30 11.91 -5.19
C PHE C 170 -12.28 11.93 -5.23
N ILE C 171 -12.09 12.94 -4.35
CA ILE C 171 -12.98 14.13 -4.30
C ILE C 171 -12.60 15.05 -5.45
N PHE C 172 -11.33 15.12 -5.77
CA PHE C 172 -10.83 16.05 -6.82
C PHE C 172 -11.39 15.60 -8.18
N GLU C 173 -11.24 14.30 -8.46
CA GLU C 173 -11.76 13.61 -9.66
C GLU C 173 -13.26 13.86 -9.76
N HIS C 174 -13.98 13.85 -8.65
CA HIS C 174 -15.43 14.09 -8.69
C HIS C 174 -15.70 15.57 -9.01
N ILE C 175 -14.96 16.51 -8.42
CA ILE C 175 -15.17 17.96 -8.61
C ILE C 175 -14.91 18.32 -10.08
N ILE C 176 -13.89 17.74 -10.74
CA ILE C 176 -13.52 18.18 -12.13
C ILE C 176 -14.31 17.38 -13.19
N LYS C 177 -15.31 16.59 -12.81
CA LYS C 177 -16.28 15.97 -13.76
C LYS C 177 -17.19 17.05 -14.35
N ARG C 178 -17.67 16.84 -15.58
CA ARG C 178 -18.50 17.82 -16.34
C ARG C 178 -17.57 18.95 -16.82
N MET C 179 -16.30 18.64 -17.03
CA MET C 179 -15.32 19.66 -17.49
C MET C 179 -14.29 18.95 -18.36
N ALA C 180 -14.07 19.42 -19.59
CA ALA C 180 -13.00 18.93 -20.48
C ALA C 180 -11.68 19.35 -19.86
N PRO C 181 -10.66 18.47 -19.81
CA PRO C 181 -9.33 18.89 -19.38
C PRO C 181 -8.72 20.08 -20.17
N SER C 182 -8.99 20.19 -21.47
CA SER C 182 -8.52 21.32 -22.31
C SER C 182 -9.09 22.68 -21.83
N ILE C 183 -10.37 22.71 -21.42
CA ILE C 183 -11.08 23.93 -20.89
C ILE C 183 -10.49 24.30 -19.53
N MET C 184 -10.29 23.30 -18.67
CA MET C 184 -9.77 23.50 -17.29
C MET C 184 -8.34 24.07 -17.40
N LYS C 185 -7.48 23.47 -18.24
CA LYS C 185 -6.09 23.93 -18.46
C LYS C 185 -6.09 25.38 -18.99
N SER C 186 -7.03 25.76 -19.87
CA SER C 186 -7.02 27.10 -20.53
C SER C 186 -7.56 28.19 -19.61
N LEU C 187 -8.60 27.92 -18.80
CA LEU C 187 -9.42 28.99 -18.16
C LEU C 187 -9.11 29.10 -16.66
N MET C 188 -8.46 28.12 -16.06
CA MET C 188 -8.31 28.12 -14.58
C MET C 188 -7.33 29.24 -14.15
N ASP C 189 -7.84 30.14 -13.31
CA ASP C 189 -7.09 31.15 -12.54
C ASP C 189 -5.79 30.55 -11.98
N HIS C 190 -4.64 31.11 -12.36
CA HIS C 190 -3.31 30.86 -11.75
C HIS C 190 -2.71 32.17 -11.25
N THR C 191 -3.59 33.16 -11.01
CA THR C 191 -3.28 34.54 -10.52
C THR C 191 -2.48 34.42 -9.24
N ILE C 192 -1.51 35.32 -9.04
CA ILE C 192 -0.95 35.69 -7.71
C ILE C 192 -1.61 37.01 -7.37
N PRO C 193 -2.58 37.06 -6.43
CA PRO C 193 -3.40 38.26 -6.24
C PRO C 193 -2.63 39.42 -5.60
N GLU C 194 -1.77 39.10 -4.64
CA GLU C 194 -0.98 40.09 -3.87
C GLU C 194 0.32 39.42 -3.43
N VAL C 195 1.40 40.20 -3.29
CA VAL C 195 2.77 39.69 -2.99
C VAL C 195 3.25 40.35 -1.70
N ILE D 5 29.83 3.65 -28.28
CA ILE D 5 30.27 2.67 -29.35
C ILE D 5 31.73 3.03 -29.74
N LYS D 6 32.72 2.16 -29.50
CA LYS D 6 34.12 2.34 -30.00
C LYS D 6 34.18 2.01 -31.50
N GLN D 7 34.77 2.89 -32.33
CA GLN D 7 34.96 2.58 -33.77
C GLN D 7 36.20 1.66 -33.88
N GLY D 8 36.38 1.05 -35.04
CA GLY D 8 37.38 -0.01 -35.28
C GLY D 8 37.10 -1.28 -34.46
N ILE D 9 38.19 -2.03 -34.33
CA ILE D 9 38.25 -3.49 -34.15
C ILE D 9 39.12 -3.80 -32.92
N ARG D 10 38.73 -4.73 -32.06
CA ARG D 10 39.62 -5.29 -31.01
C ARG D 10 39.58 -6.84 -30.98
N GLU D 11 40.65 -7.43 -30.45
CA GLU D 11 40.76 -8.86 -30.09
C GLU D 11 40.22 -9.04 -28.67
N VAL D 12 39.60 -10.20 -28.44
CA VAL D 12 39.25 -10.72 -27.10
C VAL D 12 39.73 -12.17 -27.03
N ILE D 13 40.18 -12.60 -25.85
CA ILE D 13 40.74 -13.96 -25.64
C ILE D 13 39.93 -14.55 -24.47
N LEU D 14 39.26 -15.67 -24.71
CA LEU D 14 38.36 -16.39 -23.77
C LEU D 14 38.92 -17.76 -23.47
N CYS D 15 38.52 -18.31 -22.33
CA CYS D 15 38.61 -19.75 -22.03
C CYS D 15 37.22 -20.29 -21.76
N LYS D 16 36.92 -21.43 -22.37
CA LYS D 16 35.66 -22.19 -22.11
C LYS D 16 35.56 -22.44 -20.60
N ASP D 17 34.38 -22.35 -20.01
CA ASP D 17 34.14 -22.74 -18.60
C ASP D 17 34.22 -24.27 -18.44
N GLN D 18 33.70 -24.77 -17.34
CA GLN D 18 33.81 -26.20 -16.92
C GLN D 18 32.86 -27.08 -17.76
N ASP D 19 31.78 -26.48 -18.26
CA ASP D 19 30.84 -27.15 -19.17
C ASP D 19 31.30 -27.02 -20.63
N GLY D 20 32.46 -26.42 -20.92
CA GLY D 20 32.92 -26.21 -22.31
C GLY D 20 32.09 -25.15 -23.02
N LYS D 21 31.52 -24.22 -22.26
CA LYS D 21 30.66 -23.14 -22.79
C LYS D 21 31.43 -21.83 -22.71
N ILE D 22 31.25 -20.95 -23.69
CA ILE D 22 31.77 -19.55 -23.62
C ILE D 22 30.64 -18.57 -23.29
N GLY D 23 29.37 -18.89 -23.59
CA GLY D 23 28.18 -18.11 -23.17
C GLY D 23 27.73 -17.14 -24.27
N LEU D 24 27.56 -17.64 -25.50
CA LEU D 24 27.14 -16.88 -26.71
C LEU D 24 26.02 -17.59 -27.48
N ARG D 25 25.18 -16.78 -28.12
CA ARG D 25 24.45 -17.21 -29.34
C ARG D 25 24.84 -16.24 -30.45
N LEU D 26 25.00 -16.77 -31.65
CA LEU D 26 25.40 -16.00 -32.83
C LEU D 26 24.28 -16.02 -33.87
N LYS D 27 24.25 -15.03 -34.78
CA LYS D 27 23.23 -14.90 -35.85
C LYS D 27 23.88 -14.35 -37.12
N SER D 28 23.58 -14.99 -38.25
CA SER D 28 24.01 -14.58 -39.61
C SER D 28 23.15 -13.39 -40.00
N ILE D 29 23.76 -12.25 -40.33
CA ILE D 29 23.04 -11.04 -40.84
C ILE D 29 23.90 -10.42 -41.93
N ASP D 30 23.33 -10.26 -43.13
CA ASP D 30 23.94 -9.54 -44.26
C ASP D 30 25.39 -10.08 -44.48
N ASN D 31 25.59 -11.41 -44.36
CA ASN D 31 26.86 -12.17 -44.56
C ASN D 31 27.92 -11.83 -43.52
N GLY D 32 27.47 -11.33 -42.37
CA GLY D 32 28.26 -11.12 -41.14
C GLY D 32 27.78 -12.03 -40.05
N ILE D 33 28.55 -12.14 -38.96
CA ILE D 33 28.12 -12.86 -37.75
C ILE D 33 28.05 -11.87 -36.59
N PHE D 34 26.93 -11.90 -35.89
CA PHE D 34 26.58 -10.95 -34.82
C PHE D 34 26.20 -11.76 -33.59
N VAL D 35 26.47 -11.17 -32.44
CA VAL D 35 26.09 -11.71 -31.11
C VAL D 35 24.60 -11.42 -30.91
N GLN D 36 23.81 -12.47 -30.70
CA GLN D 36 22.34 -12.41 -30.40
C GLN D 36 22.10 -12.54 -28.90
N LEU D 37 23.06 -13.11 -28.18
CA LEU D 37 22.98 -13.24 -26.71
C LEU D 37 24.38 -13.41 -26.09
N VAL D 38 24.56 -12.71 -24.99
CA VAL D 38 25.69 -12.91 -24.06
C VAL D 38 25.07 -13.40 -22.75
N GLN D 39 25.51 -14.55 -22.30
CA GLN D 39 25.07 -15.11 -20.99
C GLN D 39 25.77 -14.40 -19.81
N ALA D 40 24.95 -13.96 -18.86
CA ALA D 40 25.29 -13.47 -17.51
C ALA D 40 26.29 -14.42 -16.84
N ASN D 41 27.42 -13.87 -16.37
CA ASN D 41 28.43 -14.56 -15.56
C ASN D 41 29.12 -15.61 -16.44
N SER D 42 29.33 -15.29 -17.70
CA SER D 42 29.94 -16.21 -18.67
C SER D 42 31.33 -15.69 -19.05
N PRO D 43 32.19 -16.58 -19.56
CA PRO D 43 33.42 -16.09 -20.20
C PRO D 43 33.19 -14.95 -21.20
N ALA D 44 32.14 -15.02 -22.01
CA ALA D 44 31.81 -13.92 -22.96
C ALA D 44 31.55 -12.62 -22.15
N SER D 45 30.72 -12.63 -21.13
CA SER D 45 30.39 -11.40 -20.36
C SER D 45 31.66 -10.85 -19.69
N LEU D 46 32.49 -11.73 -19.12
CA LEU D 46 33.67 -11.34 -18.30
C LEU D 46 34.67 -10.64 -19.19
N VAL D 47 34.78 -10.98 -20.48
CA VAL D 47 35.78 -10.32 -21.37
C VAL D 47 35.15 -9.11 -22.09
N GLY D 48 33.88 -8.79 -21.82
CA GLY D 48 33.23 -7.60 -22.37
C GLY D 48 32.55 -7.76 -23.72
N LEU D 49 32.18 -8.96 -24.17
CA LEU D 49 31.33 -9.10 -25.38
C LEU D 49 29.93 -8.55 -25.06
N ARG D 50 29.25 -8.02 -26.07
CA ARG D 50 27.89 -7.44 -25.90
C ARG D 50 26.97 -7.82 -27.07
N PHE D 51 25.67 -7.90 -26.77
CA PHE D 51 24.57 -8.02 -27.74
C PHE D 51 24.88 -7.04 -28.87
N GLY D 52 24.82 -7.48 -30.12
CA GLY D 52 25.04 -6.64 -31.31
C GLY D 52 26.48 -6.56 -31.78
N ASP D 53 27.45 -7.05 -31.01
CA ASP D 53 28.84 -7.11 -31.48
C ASP D 53 28.88 -7.95 -32.77
N GLN D 54 29.78 -7.59 -33.68
CA GLN D 54 30.10 -8.32 -34.93
C GLN D 54 31.38 -9.12 -34.71
N VAL D 55 31.35 -10.41 -35.04
CA VAL D 55 32.52 -11.31 -34.95
C VAL D 55 33.13 -11.40 -36.34
N LEU D 56 34.29 -10.79 -36.53
CA LEU D 56 35.01 -10.75 -37.83
C LEU D 56 35.78 -12.05 -38.04
N GLN D 57 36.60 -12.43 -37.06
CA GLN D 57 37.40 -13.69 -37.07
C GLN D 57 37.10 -14.45 -35.77
N ILE D 58 37.10 -15.78 -35.85
CA ILE D 58 37.28 -16.73 -34.71
C ILE D 58 38.60 -17.50 -34.95
N ASN D 59 39.54 -17.42 -34.00
CA ASN D 59 40.92 -17.97 -34.02
C ASN D 59 41.51 -17.74 -35.40
N GLY D 60 41.41 -16.50 -35.90
CA GLY D 60 42.13 -16.08 -37.11
C GLY D 60 41.38 -16.37 -38.37
N GLU D 61 40.24 -17.09 -38.35
CA GLU D 61 39.48 -17.42 -39.58
C GLU D 61 38.33 -16.42 -39.74
N ASN D 62 38.07 -15.97 -40.97
CA ASN D 62 37.05 -14.94 -41.28
C ASN D 62 35.67 -15.58 -41.13
N CYS D 63 34.73 -14.89 -40.50
CA CYS D 63 33.34 -15.37 -40.30
C CYS D 63 32.46 -14.97 -41.49
N ALA D 64 33.00 -14.20 -42.44
CA ALA D 64 32.29 -13.70 -43.64
C ALA D 64 31.57 -14.85 -44.34
N GLY D 65 30.24 -14.73 -44.45
CA GLY D 65 29.37 -15.68 -45.16
C GLY D 65 28.96 -16.89 -44.35
N TRP D 66 29.47 -17.07 -43.13
CA TRP D 66 29.12 -18.27 -42.30
C TRP D 66 27.63 -18.17 -41.91
N SER D 67 26.93 -19.30 -41.91
CA SER D 67 25.61 -19.48 -41.27
C SER D 67 25.83 -19.43 -39.75
N SER D 68 24.79 -19.16 -38.98
CA SER D 68 24.71 -19.33 -37.50
C SER D 68 25.30 -20.68 -37.10
N ASP D 69 24.77 -21.76 -37.73
CA ASP D 69 25.14 -23.17 -37.50
C ASP D 69 26.65 -23.36 -37.62
N LYS D 70 27.26 -22.88 -38.71
CA LYS D 70 28.72 -22.97 -38.91
C LYS D 70 29.47 -22.20 -37.80
N ALA D 71 29.04 -21.00 -37.42
CA ALA D 71 29.80 -20.22 -36.41
C ALA D 71 29.69 -20.94 -35.07
N HIS D 72 28.51 -21.51 -34.78
CA HIS D 72 28.23 -22.28 -33.53
C HIS D 72 29.15 -23.50 -33.53
N LYS D 73 29.21 -24.19 -34.67
CA LYS D 73 29.96 -25.46 -34.82
C LYS D 73 31.43 -25.16 -34.53
N VAL D 74 31.97 -24.09 -35.15
CA VAL D 74 33.42 -23.72 -35.08
C VAL D 74 33.77 -23.48 -33.61
N LEU D 75 32.87 -22.87 -32.82
CA LEU D 75 33.16 -22.53 -31.41
C LEU D 75 33.06 -23.80 -30.54
N LYS D 76 32.03 -24.60 -30.74
CA LYS D 76 31.91 -25.89 -30.02
C LYS D 76 33.20 -26.71 -30.25
N GLN D 77 33.69 -26.80 -31.49
CA GLN D 77 34.87 -27.66 -31.83
C GLN D 77 36.24 -27.02 -31.49
N ALA D 78 36.33 -25.73 -31.13
CA ALA D 78 37.59 -25.05 -30.75
C ALA D 78 38.18 -25.62 -29.46
N PHE D 79 39.45 -26.02 -29.47
CA PHE D 79 40.22 -26.22 -28.20
C PHE D 79 39.95 -25.00 -27.33
N GLY D 80 39.56 -25.24 -26.07
CA GLY D 80 38.88 -24.24 -25.21
C GLY D 80 39.86 -23.43 -24.40
N GLU D 81 41.13 -23.84 -24.42
CA GLU D 81 42.23 -23.31 -23.56
C GLU D 81 42.42 -21.81 -23.86
N LYS D 82 42.41 -21.42 -25.15
CA LYS D 82 42.47 -20.01 -25.63
C LYS D 82 41.67 -19.88 -26.93
N ILE D 83 40.59 -19.10 -26.93
CA ILE D 83 39.86 -18.71 -28.18
C ILE D 83 40.07 -17.21 -28.38
N THR D 84 40.57 -16.83 -29.54
CA THR D 84 40.66 -15.44 -30.01
C THR D 84 39.43 -15.13 -30.85
N MET D 85 38.88 -13.93 -30.68
CA MET D 85 37.80 -13.39 -31.52
C MET D 85 38.17 -11.94 -31.80
N THR D 86 38.19 -11.57 -33.09
CA THR D 86 38.28 -10.16 -33.57
C THR D 86 36.86 -9.61 -33.63
N ILE D 87 36.59 -8.48 -32.97
CA ILE D 87 35.22 -7.93 -32.70
C ILE D 87 35.12 -6.51 -33.27
N ARG D 88 34.02 -6.17 -33.96
CA ARG D 88 33.66 -4.77 -34.26
C ARG D 88 32.52 -4.40 -33.32
N ASP D 89 32.61 -3.25 -32.66
CA ASP D 89 31.73 -2.88 -31.54
C ASP D 89 30.35 -2.46 -32.06
N ARG D 90 29.32 -3.20 -31.62
CA ARG D 90 27.85 -2.95 -31.82
C ARG D 90 27.59 -2.11 -33.06
N PRO D 91 27.98 -2.59 -34.26
CA PRO D 91 27.93 -1.75 -35.46
C PRO D 91 26.55 -1.25 -35.88
N PHE D 92 25.48 -1.96 -35.55
CA PHE D 92 24.11 -1.61 -36.00
C PHE D 92 23.45 -0.63 -35.02
N GLU D 93 24.16 -0.21 -33.96
CA GLU D 93 23.60 0.58 -32.83
C GLU D 93 24.25 1.96 -32.73
N ARG D 94 23.61 2.86 -32.00
CA ARG D 94 24.14 4.21 -31.66
C ARG D 94 23.63 4.62 -30.29
N THR D 95 24.32 5.58 -29.67
CA THR D 95 23.92 6.08 -28.34
C THR D 95 23.46 7.54 -28.50
N ILE D 96 22.41 7.88 -27.81
CA ILE D 96 21.86 9.26 -27.75
C ILE D 96 21.96 9.63 -26.27
N THR D 97 22.62 10.74 -25.95
CA THR D 97 22.69 11.30 -24.56
C THR D 97 21.61 12.38 -24.37
N MET D 98 20.82 12.25 -23.29
CA MET D 98 19.70 13.14 -22.92
C MET D 98 19.84 13.53 -21.45
N HIS D 99 19.09 14.54 -21.03
CA HIS D 99 19.10 15.20 -19.71
C HIS D 99 17.67 15.22 -19.22
N LYS D 100 17.44 14.69 -18.04
CA LYS D 100 16.11 14.61 -17.42
C LYS D 100 15.63 16.05 -17.16
N ASP D 101 14.36 16.27 -17.43
CA ASP D 101 13.65 17.53 -17.11
C ASP D 101 13.40 17.51 -15.59
N SER D 102 12.68 18.52 -15.10
CA SER D 102 12.45 18.76 -13.66
C SER D 102 11.53 17.66 -13.08
N THR D 103 10.81 16.91 -13.91
CA THR D 103 9.95 15.77 -13.50
C THR D 103 10.67 14.42 -13.63
N GLY D 104 11.95 14.38 -14.06
CA GLY D 104 12.72 13.14 -14.22
C GLY D 104 12.52 12.43 -15.55
N HIS D 105 12.02 13.10 -16.58
CA HIS D 105 11.75 12.51 -17.93
C HIS D 105 12.68 13.10 -18.97
N VAL D 106 12.92 12.34 -20.03
CA VAL D 106 13.72 12.80 -21.19
C VAL D 106 12.82 13.07 -22.39
N GLY D 107 11.59 12.54 -22.44
CA GLY D 107 10.61 12.93 -23.45
C GLY D 107 10.43 11.89 -24.56
N PHE D 108 10.11 10.65 -24.22
CA PHE D 108 9.70 9.67 -25.24
C PHE D 108 8.74 8.64 -24.65
N ILE D 109 7.96 8.04 -25.53
CA ILE D 109 7.03 6.91 -25.24
C ILE D 109 7.60 5.65 -25.92
N PHE D 110 7.64 4.52 -25.21
CA PHE D 110 8.01 3.23 -25.86
C PHE D 110 7.02 2.12 -25.51
N LYS D 111 7.06 1.06 -26.30
CA LYS D 111 6.24 -0.17 -26.09
C LYS D 111 7.02 -1.39 -26.63
N ASN D 112 7.10 -2.46 -25.84
CA ASN D 112 7.87 -3.66 -26.21
C ASN D 112 9.31 -3.23 -26.50
N GLY D 113 9.81 -2.31 -25.70
CA GLY D 113 11.15 -1.70 -25.85
C GLY D 113 11.35 -0.91 -27.15
N LYS D 114 10.30 -0.62 -27.93
CA LYS D 114 10.45 0.13 -29.21
C LYS D 114 9.92 1.54 -29.01
N ILE D 115 10.74 2.56 -29.30
CA ILE D 115 10.33 3.99 -29.20
C ILE D 115 9.23 4.26 -30.23
N THR D 116 8.11 4.81 -29.77
CA THR D 116 6.92 5.02 -30.62
C THR D 116 6.62 6.50 -30.77
N SER D 117 6.97 7.37 -29.81
CA SER D 117 6.72 8.82 -29.98
C SER D 117 7.74 9.66 -29.18
N ILE D 118 8.03 10.84 -29.69
CA ILE D 118 9.00 11.82 -29.11
C ILE D 118 8.16 12.99 -28.62
N VAL D 119 8.35 13.44 -27.39
CA VAL D 119 7.59 14.57 -26.79
C VAL D 119 8.12 15.87 -27.41
N LYS D 120 7.22 16.78 -27.77
CA LYS D 120 7.62 18.10 -28.34
C LYS D 120 8.49 18.86 -27.33
N ASP D 121 9.64 19.38 -27.81
CA ASP D 121 10.53 20.30 -27.05
C ASP D 121 11.07 19.60 -25.80
N SER D 122 11.21 18.28 -25.86
CA SER D 122 11.91 17.44 -24.87
C SER D 122 13.40 17.32 -25.21
N SER D 123 14.14 16.79 -24.24
CA SER D 123 15.57 16.44 -24.41
C SER D 123 15.70 15.37 -25.52
N ALA D 124 14.77 14.41 -25.60
CA ALA D 124 14.72 13.40 -26.69
C ALA D 124 14.67 14.12 -28.04
N ALA D 125 13.86 15.18 -28.12
CA ALA D 125 13.64 15.97 -29.35
C ALA D 125 14.92 16.70 -29.74
N ARG D 126 15.49 17.50 -28.83
CA ARG D 126 16.72 18.30 -29.04
C ARG D 126 17.87 17.39 -29.50
N ASN D 127 17.92 16.17 -28.98
CA ASN D 127 19.04 15.24 -29.28
C ASN D 127 18.67 14.35 -30.46
N GLY D 128 17.49 14.54 -31.07
CA GLY D 128 17.07 13.77 -32.27
C GLY D 128 16.99 12.27 -32.09
N LEU D 129 16.32 11.83 -31.02
CA LEU D 129 15.92 10.43 -30.86
C LEU D 129 14.88 10.10 -31.92
N LEU D 130 14.93 8.89 -32.45
CA LEU D 130 14.06 8.38 -33.54
C LEU D 130 13.06 7.39 -32.98
N THR D 131 11.91 7.31 -33.61
CA THR D 131 10.94 6.21 -33.40
C THR D 131 11.37 5.02 -34.26
N GLU D 132 10.60 3.95 -34.14
CA GLU D 132 10.86 2.67 -34.84
C GLU D 132 12.29 2.20 -34.54
N HIS D 133 12.73 2.45 -33.29
CA HIS D 133 14.08 2.06 -32.77
C HIS D 133 13.90 1.28 -31.45
N ASN D 134 14.54 0.11 -31.37
CA ASN D 134 14.60 -0.68 -30.12
C ASN D 134 15.73 -0.18 -29.21
N ILE D 135 15.38 -0.02 -27.94
CA ILE D 135 16.29 0.23 -26.81
C ILE D 135 17.03 -1.06 -26.49
N CYS D 136 18.33 -1.05 -26.70
CA CYS D 136 19.26 -2.14 -26.44
C CYS D 136 19.93 -1.95 -25.08
N GLU D 137 20.31 -0.72 -24.74
CA GLU D 137 21.12 -0.43 -23.53
C GLU D 137 20.65 0.89 -22.95
N ILE D 138 20.78 0.99 -21.63
CA ILE D 138 20.62 2.24 -20.84
C ILE D 138 21.88 2.43 -19.99
N ASN D 139 22.67 3.48 -20.30
CA ASN D 139 23.98 3.77 -19.68
C ASN D 139 24.86 2.52 -19.83
N GLY D 140 24.85 1.86 -20.98
CA GLY D 140 25.76 0.72 -21.25
C GLY D 140 25.22 -0.59 -20.67
N GLN D 141 24.10 -0.55 -19.93
CA GLN D 141 23.42 -1.76 -19.43
C GLN D 141 22.40 -2.30 -20.44
N ASN D 142 22.60 -3.56 -20.83
CA ASN D 142 21.71 -4.39 -21.71
C ASN D 142 20.36 -4.53 -21.02
N VAL D 143 19.27 -4.13 -21.69
CA VAL D 143 17.87 -4.23 -21.19
C VAL D 143 17.05 -5.11 -22.16
N ILE D 144 17.71 -5.96 -22.94
CA ILE D 144 17.02 -6.83 -23.95
C ILE D 144 16.33 -8.02 -23.28
N GLY D 145 15.03 -8.16 -23.51
CA GLY D 145 14.15 -9.16 -22.87
C GLY D 145 13.52 -8.67 -21.58
N LEU D 146 13.93 -7.52 -21.02
CA LEU D 146 13.29 -6.99 -19.79
C LEU D 146 11.91 -6.45 -20.12
N LYS D 147 10.97 -6.45 -19.18
CA LYS D 147 9.62 -5.88 -19.39
C LYS D 147 9.77 -4.34 -19.49
N ASP D 148 8.81 -3.68 -20.11
CA ASP D 148 8.76 -2.19 -20.21
C ASP D 148 8.87 -1.59 -18.82
N SER D 149 8.21 -2.23 -17.83
CA SER D 149 8.17 -1.71 -16.44
C SER D 149 9.61 -1.72 -15.91
N GLN D 150 10.39 -2.74 -16.23
CA GLN D 150 11.80 -2.84 -15.78
C GLN D 150 12.64 -1.74 -16.48
N ILE D 151 12.47 -1.62 -17.80
CA ILE D 151 13.15 -0.58 -18.63
C ILE D 151 12.86 0.78 -18.02
N ALA D 152 11.59 1.06 -17.73
CA ALA D 152 11.13 2.32 -17.09
C ALA D 152 11.89 2.57 -15.77
N ASP D 153 12.01 1.55 -14.91
N ASP D 153 11.99 1.55 -14.91
CA ASP D 153 12.67 1.66 -13.58
CA ASP D 153 12.66 1.63 -13.58
C ASP D 153 14.15 1.99 -13.77
C ASP D 153 14.15 1.98 -13.77
N ILE D 154 14.82 1.32 -14.72
CA ILE D 154 16.26 1.59 -15.02
C ILE D 154 16.44 3.05 -15.52
N LEU D 155 15.51 3.58 -16.32
CA LEU D 155 15.53 5.02 -16.73
C LEU D 155 15.45 5.91 -15.47
N SER D 156 14.56 5.63 -14.54
CA SER D 156 14.34 6.51 -13.36
C SER D 156 15.50 6.37 -12.36
N THR D 157 16.20 5.24 -12.27
CA THR D 157 17.38 5.15 -11.37
C THR D 157 18.65 5.67 -12.04
N SER D 158 18.58 6.12 -13.30
CA SER D 158 19.72 6.80 -13.97
C SER D 158 20.02 8.11 -13.24
N GLY D 159 21.26 8.59 -13.30
CA GLY D 159 21.55 10.03 -13.09
C GLY D 159 20.79 10.90 -14.10
N THR D 160 20.81 12.21 -13.91
CA THR D 160 20.17 13.25 -14.75
C THR D 160 20.55 13.00 -16.22
N VAL D 161 21.80 12.64 -16.47
CA VAL D 161 22.31 12.34 -17.83
C VAL D 161 22.01 10.88 -18.15
N VAL D 162 21.16 10.66 -19.15
CA VAL D 162 20.65 9.32 -19.60
C VAL D 162 21.14 9.05 -21.03
N THR D 163 21.96 8.02 -21.19
CA THR D 163 22.46 7.58 -22.51
C THR D 163 21.64 6.37 -22.89
N ILE D 164 20.98 6.37 -24.03
CA ILE D 164 20.37 5.09 -24.47
C ILE D 164 21.03 4.69 -25.77
N THR D 165 21.35 3.40 -25.86
CA THR D 165 21.79 2.72 -27.10
C THR D 165 20.57 2.13 -27.81
N ILE D 166 20.42 2.50 -29.09
CA ILE D 166 19.28 2.11 -29.97
C ILE D 166 19.75 1.41 -31.25
N MET D 167 18.81 0.67 -31.84
CA MET D 167 18.98 -0.10 -33.09
C MET D 167 17.68 0.08 -33.89
N PRO D 168 17.74 0.35 -35.21
CA PRO D 168 16.51 0.35 -36.00
C PRO D 168 15.76 -0.96 -35.77
N ALA D 169 14.42 -0.91 -35.63
CA ALA D 169 13.50 -2.02 -35.30
C ALA D 169 13.66 -3.23 -36.21
N PHE D 170 13.74 -3.01 -37.52
N PHE D 170 13.80 -3.02 -37.52
CA PHE D 170 13.82 -4.09 -38.55
CA PHE D 170 13.82 -4.08 -38.56
C PHE D 170 15.10 -4.90 -38.28
C PHE D 170 15.15 -4.86 -38.49
N ILE D 171 16.21 -4.23 -37.96
CA ILE D 171 17.52 -4.95 -37.73
C ILE D 171 17.42 -5.72 -36.41
N PHE D 172 16.81 -5.13 -35.41
CA PHE D 172 16.66 -5.77 -34.08
C PHE D 172 15.86 -7.06 -34.27
N GLU D 173 14.68 -6.94 -34.88
CA GLU D 173 13.76 -8.08 -35.11
C GLU D 173 14.56 -9.16 -35.84
N HIS D 174 15.41 -8.80 -36.79
CA HIS D 174 16.24 -9.79 -37.55
C HIS D 174 17.21 -10.49 -36.60
N ILE D 175 17.88 -9.75 -35.71
CA ILE D 175 18.93 -10.31 -34.81
C ILE D 175 18.25 -11.24 -33.80
N ILE D 176 17.07 -10.93 -33.29
CA ILE D 176 16.53 -11.80 -32.21
C ILE D 176 15.71 -12.99 -32.80
N LYS D 177 15.53 -13.09 -34.12
CA LYS D 177 14.84 -14.25 -34.76
C LYS D 177 15.59 -15.53 -34.38
N ARG D 178 14.86 -16.64 -34.18
CA ARG D 178 15.41 -18.01 -33.95
C ARG D 178 16.10 -18.03 -32.58
N MET D 179 15.38 -17.53 -31.57
CA MET D 179 15.84 -17.43 -30.16
C MET D 179 14.58 -17.37 -29.31
N ALA D 180 14.39 -18.38 -28.47
CA ALA D 180 13.17 -18.54 -27.65
C ALA D 180 13.10 -17.37 -26.69
N PRO D 181 11.93 -16.68 -26.59
CA PRO D 181 11.74 -15.66 -25.55
C PRO D 181 12.25 -16.04 -24.15
N SER D 182 12.09 -17.30 -23.74
CA SER D 182 12.46 -17.81 -22.40
C SER D 182 13.97 -17.89 -22.23
N ILE D 183 14.69 -18.12 -23.31
CA ILE D 183 16.16 -18.06 -23.31
C ILE D 183 16.62 -16.59 -23.21
N MET D 184 16.09 -15.70 -24.05
CA MET D 184 16.39 -14.24 -24.08
C MET D 184 16.14 -13.64 -22.69
N LYS D 185 15.01 -14.03 -22.07
CA LYS D 185 14.59 -13.57 -20.72
C LYS D 185 15.42 -14.20 -19.59
N SER D 186 15.79 -15.46 -19.63
CA SER D 186 16.46 -16.12 -18.48
C SER D 186 17.99 -16.00 -18.53
N LEU D 187 18.61 -15.76 -19.70
CA LEU D 187 20.06 -16.01 -19.89
C LEU D 187 20.80 -14.71 -20.19
N MET D 188 20.12 -13.70 -20.72
CA MET D 188 20.78 -12.47 -21.26
C MET D 188 21.45 -11.67 -20.12
N ASP D 189 22.73 -11.38 -20.29
CA ASP D 189 23.55 -10.51 -19.40
C ASP D 189 22.87 -9.14 -19.16
N HIS D 190 22.68 -8.74 -17.89
CA HIS D 190 22.10 -7.39 -17.54
C HIS D 190 23.01 -6.70 -16.53
N THR D 191 24.25 -7.15 -16.38
CA THR D 191 25.09 -6.68 -15.24
C THR D 191 25.64 -5.28 -15.54
N ILE D 192 25.99 -4.58 -14.47
CA ILE D 192 26.65 -3.25 -14.57
C ILE D 192 27.86 -3.38 -13.69
N PRO D 193 28.88 -2.52 -13.83
CA PRO D 193 30.13 -2.71 -13.08
C PRO D 193 29.95 -2.42 -11.57
N GLU D 194 29.04 -1.53 -11.18
CA GLU D 194 28.82 -1.18 -9.74
C GLU D 194 27.48 -0.46 -9.62
N VAL D 195 26.95 -0.39 -8.41
CA VAL D 195 25.83 0.52 -8.04
C VAL D 195 26.41 1.76 -7.31
#